data_7CXV
#
_entry.id   7CXV
#
_cell.length_a   50.436
_cell.length_b   87.264
_cell.length_c   147.061
_cell.angle_alpha   90.000
_cell.angle_beta   90.000
_cell.angle_gamma   90.000
#
_symmetry.space_group_name_H-M   'P 2 21 21'
#
loop_
_entity.id
_entity.type
_entity.pdbx_description
1 polymer CmnK
2 water water
#
_entity_poly.entity_id   1
_entity_poly.type   'polypeptide(L)'
_entity_poly.pdbx_seq_one_letter_code
;MGSSHHHHHHSSGLVPRGSHMTPSEELLFLDRETVRACVAGVDPVEVVESVLRSHAAGRTTLPAEGYLPWENDQGAYCRS
IAMLGAVDGERGPTYGIKLINAAVSNPSIGLDRAGGCGFLFDPRTARPVVLAEAAYLSGLRTAAYTMASLRHLGPVGFDA
VSFIGTGAQARVHAALLARYFPAVRDLHVFDTERSRAEAFTGASGHTVHVHDTAEAAVRASHVLVTLTTVDDGYIPHDWF
RPGSFVAHVSLDDLLPEVFFKSEALFVDDLELIRENPRRVLGALLADGDVPVTGSLGGVLTGAVAPVRPRDGVVVSNPFG
MAVLDVGLLAEVAAHARSAGLGTTLDLLGAAR
;
_entity_poly.pdbx_strand_id   A,B
#
# COMPACT_ATOMS: atom_id res chain seq x y z
N SER A 24 -34.51 35.26 -15.09
CA SER A 24 -34.02 34.08 -15.88
C SER A 24 -32.88 33.37 -15.13
N GLU A 25 -32.59 32.13 -15.53
CA GLU A 25 -31.62 31.20 -14.88
C GLU A 25 -30.99 30.32 -15.98
N GLU A 26 -29.70 30.51 -16.24
CA GLU A 26 -28.97 29.85 -17.35
C GLU A 26 -27.68 29.19 -16.83
N LEU A 27 -27.28 28.07 -17.44
CA LEU A 27 -26.01 27.33 -17.20
C LEU A 27 -25.23 27.27 -18.53
N LEU A 28 -23.97 27.71 -18.55
CA LEU A 28 -23.03 27.33 -19.64
C LEU A 28 -22.61 25.87 -19.36
N PHE A 29 -22.94 24.96 -20.27
CA PHE A 29 -22.71 23.49 -20.15
C PHE A 29 -21.57 23.06 -21.09
N LEU A 30 -20.55 22.42 -20.50
CA LEU A 30 -19.32 21.97 -21.21
C LEU A 30 -19.15 20.46 -21.04
N ASP A 31 -19.41 19.69 -22.10
CA ASP A 31 -19.13 18.22 -22.17
C ASP A 31 -17.61 18.00 -22.23
N ARG A 32 -17.17 16.74 -22.11
CA ARG A 32 -15.73 16.39 -22.01
C ARG A 32 -14.97 16.93 -23.24
N GLU A 33 -15.51 16.72 -24.45
CA GLU A 33 -14.79 17.06 -25.71
C GLU A 33 -14.57 18.58 -25.76
N THR A 34 -15.52 19.37 -25.25
CA THR A 34 -15.45 20.86 -25.23
C THR A 34 -14.40 21.28 -24.21
N VAL A 35 -14.38 20.67 -23.01
CA VAL A 35 -13.32 20.93 -21.99
C VAL A 35 -11.96 20.57 -22.61
N ARG A 36 -11.86 19.43 -23.30
CA ARG A 36 -10.65 19.00 -24.05
C ARG A 36 -10.19 20.17 -24.92
N ALA A 37 -11.10 20.70 -25.74
CA ALA A 37 -10.83 21.76 -26.76
C ALA A 37 -10.40 23.07 -26.08
N CYS A 38 -10.96 23.39 -24.91
CA CYS A 38 -10.67 24.66 -24.17
C CYS A 38 -9.32 24.60 -23.45
N VAL A 39 -8.98 23.44 -22.89
CA VAL A 39 -7.65 23.17 -22.26
C VAL A 39 -6.58 23.24 -23.34
N ALA A 40 -6.87 22.73 -24.54
CA ALA A 40 -6.01 22.79 -25.74
C ALA A 40 -5.75 24.25 -26.13
N GLY A 41 -6.69 25.16 -25.86
CA GLY A 41 -6.63 26.59 -26.23
C GLY A 41 -6.16 27.53 -25.12
N VAL A 42 -5.97 27.06 -23.89
CA VAL A 42 -5.43 27.92 -22.79
C VAL A 42 -4.11 27.30 -22.30
N ASP A 43 -3.45 27.94 -21.33
CA ASP A 43 -2.18 27.43 -20.74
C ASP A 43 -2.45 26.87 -19.34
N PRO A 44 -2.81 25.57 -19.21
CA PRO A 44 -3.17 24.99 -17.91
C PRO A 44 -2.04 25.03 -16.87
N VAL A 45 -0.80 24.95 -17.31
CA VAL A 45 0.38 24.95 -16.39
C VAL A 45 0.48 26.34 -15.75
N GLU A 46 0.33 27.41 -16.53
CA GLU A 46 0.32 28.81 -16.04
C GLU A 46 -0.84 29.00 -15.05
N VAL A 47 -2.02 28.44 -15.32
CA VAL A 47 -3.22 28.54 -14.42
C VAL A 47 -2.87 27.85 -13.09
N VAL A 48 -2.32 26.64 -13.15
CA VAL A 48 -1.94 25.85 -11.93
C VAL A 48 -0.90 26.66 -11.12
N GLU A 49 0.07 27.28 -11.78
CA GLU A 49 1.14 28.07 -11.10
C GLU A 49 0.53 29.29 -10.39
N SER A 50 -0.43 29.96 -11.03
CA SER A 50 -1.12 31.16 -10.49
C SER A 50 -1.95 30.81 -9.24
N VAL A 51 -2.66 29.68 -9.26
CA VAL A 51 -3.50 29.24 -8.10
C VAL A 51 -2.57 28.77 -6.99
N LEU A 52 -1.46 28.11 -7.34
CA LEU A 52 -0.43 27.69 -6.35
C LEU A 52 0.14 28.95 -5.67
N ARG A 53 0.38 30.02 -6.43
CA ARG A 53 0.86 31.32 -5.86
C ARG A 53 -0.23 31.91 -4.94
N SER A 54 -1.50 31.86 -5.36
CA SER A 54 -2.64 32.31 -4.54
C SER A 54 -2.71 31.48 -3.25
N HIS A 55 -2.58 30.14 -3.37
CA HIS A 55 -2.63 29.19 -2.24
C HIS A 55 -1.54 29.54 -1.21
N ALA A 56 -0.28 29.71 -1.69
CA ALA A 56 0.92 30.03 -0.87
C ALA A 56 0.66 31.28 -0.01
N ALA A 57 -0.10 32.26 -0.52
CA ALA A 57 -0.43 33.54 0.15
C ALA A 57 -1.74 33.42 0.94
N GLY A 58 -2.24 32.20 1.15
CA GLY A 58 -3.48 31.95 1.90
C GLY A 58 -4.69 32.63 1.28
N ARG A 59 -4.73 32.78 -0.05
CA ARG A 59 -5.85 33.43 -0.78
C ARG A 59 -6.68 32.35 -1.50
N THR A 60 -6.74 31.14 -0.93
CA THR A 60 -7.56 30.01 -1.41
C THR A 60 -8.31 29.43 -0.23
N THR A 61 -9.40 28.69 -0.49
CA THR A 61 -10.27 28.07 0.54
C THR A 61 -10.63 26.65 0.07
N LEU A 62 -10.37 25.66 0.91
CA LEU A 62 -10.78 24.25 0.69
C LEU A 62 -11.51 23.79 1.95
N PRO A 63 -12.84 24.04 2.03
CA PRO A 63 -13.65 23.58 3.16
C PRO A 63 -13.74 22.05 3.22
N ALA A 64 -14.08 21.50 4.38
CA ALA A 64 -14.30 20.05 4.58
C ALA A 64 -15.15 19.55 3.40
N GLU A 65 -14.75 18.44 2.79
CA GLU A 65 -15.49 17.90 1.62
C GLU A 65 -16.75 17.19 2.11
N GLY A 66 -17.78 17.16 1.26
CA GLY A 66 -18.93 16.24 1.40
C GLY A 66 -18.52 14.84 1.03
N TYR A 67 -18.86 13.86 1.85
CA TYR A 67 -18.47 12.43 1.66
C TYR A 67 -19.69 11.53 1.93
N LEU A 68 -20.18 10.87 0.89
CA LEU A 68 -21.30 9.90 0.97
C LEU A 68 -20.80 8.54 0.53
N PRO A 69 -20.47 7.62 1.47
CA PRO A 69 -20.08 6.26 1.11
C PRO A 69 -21.29 5.34 1.08
N TRP A 70 -21.23 4.28 0.28
CA TRP A 70 -22.22 3.18 0.27
C TRP A 70 -21.64 1.94 -0.42
N GLU A 71 -22.33 0.82 -0.24
CA GLU A 71 -22.03 -0.50 -0.84
C GLU A 71 -23.12 -0.75 -1.90
N ASN A 72 -22.74 -0.98 -3.16
CA ASN A 72 -23.71 -1.28 -4.25
C ASN A 72 -24.12 -2.75 -4.13
N ASP A 73 -25.00 -3.22 -5.02
CA ASP A 73 -25.52 -4.62 -5.02
C ASP A 73 -24.43 -5.60 -5.50
N GLN A 74 -23.21 -5.11 -5.77
CA GLN A 74 -22.02 -5.94 -6.15
C GLN A 74 -21.12 -6.18 -4.92
N GLY A 75 -21.52 -5.70 -3.73
CA GLY A 75 -20.70 -5.70 -2.51
C GLY A 75 -19.45 -4.83 -2.64
N ALA A 76 -19.44 -3.86 -3.58
CA ALA A 76 -18.29 -2.98 -3.90
C ALA A 76 -18.51 -1.58 -3.30
N TYR A 77 -17.41 -0.97 -2.86
CA TYR A 77 -17.36 0.38 -2.23
C TYR A 77 -17.68 1.43 -3.31
N CYS A 78 -18.66 2.29 -3.02
CA CYS A 78 -19.07 3.45 -3.86
C CYS A 78 -19.03 4.71 -3.02
N ARG A 79 -18.76 5.86 -3.64
CA ARG A 79 -18.70 7.14 -2.90
C ARG A 79 -19.08 8.28 -3.85
N SER A 80 -19.60 9.37 -3.28
CA SER A 80 -19.68 10.70 -3.90
C SER A 80 -18.85 11.64 -3.03
N ILE A 81 -17.93 12.40 -3.65
CA ILE A 81 -17.13 13.43 -2.93
C ILE A 81 -17.45 14.78 -3.56
N ALA A 82 -17.93 15.72 -2.74
CA ALA A 82 -18.36 17.07 -3.13
C ALA A 82 -17.34 18.05 -2.58
N MET A 83 -16.48 18.60 -3.44
CA MET A 83 -15.30 19.40 -3.01
C MET A 83 -15.53 20.86 -3.39
N LEU A 84 -15.98 21.65 -2.44
CA LEU A 84 -16.05 23.12 -2.61
C LEU A 84 -14.62 23.68 -2.56
N GLY A 85 -14.43 24.80 -3.24
CA GLY A 85 -13.14 25.51 -3.39
C GLY A 85 -13.39 26.94 -3.82
N ALA A 86 -12.55 27.86 -3.39
CA ALA A 86 -12.57 29.28 -3.78
C ALA A 86 -11.14 29.75 -4.00
N VAL A 87 -10.91 30.61 -4.98
CA VAL A 87 -9.58 31.23 -5.27
C VAL A 87 -9.81 32.74 -5.33
N ASP A 88 -9.18 33.49 -4.43
CA ASP A 88 -9.08 34.98 -4.48
C ASP A 88 -7.82 35.31 -5.27
N GLY A 89 -7.87 35.08 -6.60
CA GLY A 89 -6.70 34.87 -7.46
C GLY A 89 -6.29 36.10 -8.25
N GLU A 90 -5.45 35.89 -9.27
CA GLU A 90 -4.77 36.93 -10.09
C GLU A 90 -5.63 37.25 -11.33
N ARG A 91 -6.92 37.48 -11.10
CA ARG A 91 -7.92 37.87 -12.14
C ARG A 91 -9.15 38.44 -11.41
N GLY A 92 -9.66 37.67 -10.44
CA GLY A 92 -10.76 38.03 -9.55
C GLY A 92 -11.13 36.81 -8.70
N PRO A 93 -12.10 36.92 -7.77
CA PRO A 93 -12.55 35.78 -6.96
C PRO A 93 -13.27 34.70 -7.77
N THR A 94 -12.85 33.43 -7.61
CA THR A 94 -13.44 32.24 -8.28
C THR A 94 -14.02 31.30 -7.22
N TYR A 95 -15.24 30.84 -7.42
CA TYR A 95 -16.01 29.99 -6.47
C TYR A 95 -16.64 28.85 -7.27
N GLY A 96 -16.57 27.63 -6.75
CA GLY A 96 -17.03 26.45 -7.49
C GLY A 96 -16.96 25.19 -6.69
N ILE A 97 -17.24 24.07 -7.35
CA ILE A 97 -17.34 22.75 -6.68
C ILE A 97 -16.94 21.70 -7.70
N LYS A 98 -16.27 20.66 -7.22
CA LYS A 98 -15.88 19.47 -7.99
C LYS A 98 -16.62 18.28 -7.36
N LEU A 99 -17.38 17.56 -8.17
CA LEU A 99 -18.18 16.40 -7.69
C LEU A 99 -17.67 15.18 -8.43
N ILE A 100 -16.87 14.36 -7.76
CA ILE A 100 -16.31 13.10 -8.31
C ILE A 100 -16.97 11.93 -7.57
N ASN A 101 -17.62 11.07 -8.36
CA ASN A 101 -18.26 9.83 -7.91
C ASN A 101 -17.44 8.64 -8.41
N ALA A 102 -17.29 7.61 -7.58
CA ALA A 102 -16.50 6.40 -7.92
C ALA A 102 -17.20 5.15 -7.38
N ALA A 103 -17.10 4.06 -8.12
CA ALA A 103 -17.40 2.68 -7.66
C ALA A 103 -16.23 1.76 -8.04
N VAL A 104 -15.81 0.91 -7.11
CA VAL A 104 -14.65 -0.02 -7.24
C VAL A 104 -14.96 -1.04 -8.34
N SER A 105 -16.25 -1.34 -8.56
CA SER A 105 -16.74 -2.40 -9.48
C SER A 105 -16.96 -1.86 -10.89
N ASN A 106 -16.66 -0.58 -11.14
CA ASN A 106 -16.87 0.05 -12.48
C ASN A 106 -15.90 -0.55 -13.49
N PRO A 107 -14.57 -0.67 -13.21
CA PRO A 107 -13.65 -1.27 -14.18
C PRO A 107 -14.15 -2.66 -14.61
N SER A 108 -14.75 -3.42 -13.68
CA SER A 108 -15.31 -4.79 -13.87
C SER A 108 -16.30 -4.86 -15.04
N ILE A 109 -17.06 -3.79 -15.29
CA ILE A 109 -18.23 -3.76 -16.23
C ILE A 109 -17.96 -2.78 -17.39
N GLY A 110 -16.74 -2.25 -17.51
CA GLY A 110 -16.24 -1.54 -18.70
C GLY A 110 -16.31 -0.02 -18.59
N LEU A 111 -16.45 0.52 -17.37
CA LEU A 111 -16.45 1.98 -17.09
C LEU A 111 -15.17 2.38 -16.34
N ASP A 112 -14.70 3.61 -16.54
CA ASP A 112 -13.74 4.30 -15.63
C ASP A 112 -14.28 4.26 -14.20
N ARG A 113 -13.38 4.16 -13.23
CA ARG A 113 -13.70 4.11 -11.79
C ARG A 113 -14.54 5.35 -11.44
N ALA A 114 -14.03 6.53 -11.81
CA ALA A 114 -14.57 7.85 -11.39
C ALA A 114 -15.33 8.49 -12.55
N GLY A 115 -16.34 9.30 -12.20
CA GLY A 115 -17.04 10.22 -13.11
C GLY A 115 -17.54 11.44 -12.34
N GLY A 116 -17.86 12.51 -13.04
CA GLY A 116 -18.66 13.57 -12.42
C GLY A 116 -18.51 14.92 -13.09
N CYS A 117 -18.76 15.95 -12.30
CA CYS A 117 -19.22 17.27 -12.75
C CYS A 117 -18.51 18.32 -11.90
N GLY A 118 -18.38 19.52 -12.45
CA GLY A 118 -17.90 20.72 -11.75
C GLY A 118 -18.78 21.91 -12.06
N PHE A 119 -18.93 22.82 -11.11
CA PHE A 119 -19.66 24.10 -11.30
C PHE A 119 -18.75 25.27 -10.94
N LEU A 120 -18.95 26.40 -11.62
CA LEU A 120 -18.53 27.73 -11.12
C LEU A 120 -19.79 28.48 -10.65
N PHE A 121 -19.63 29.32 -9.64
CA PHE A 121 -20.70 30.17 -9.07
C PHE A 121 -20.41 31.63 -9.39
N ASP A 122 -21.45 32.38 -9.79
CA ASP A 122 -21.32 33.85 -10.00
C ASP A 122 -20.89 34.45 -8.67
N PRO A 123 -19.79 35.24 -8.64
CA PRO A 123 -19.39 35.92 -7.41
C PRO A 123 -20.50 36.75 -6.75
N ARG A 124 -21.35 37.41 -7.55
CA ARG A 124 -22.35 38.39 -7.04
C ARG A 124 -23.57 37.62 -6.49
N THR A 125 -24.17 36.75 -7.30
CA THR A 125 -25.51 36.15 -7.07
C THR A 125 -25.40 34.76 -6.42
N ALA A 126 -24.22 34.13 -6.55
CA ALA A 126 -23.88 32.79 -6.04
C ALA A 126 -24.46 31.70 -6.96
N ARG A 127 -25.18 32.09 -8.02
CA ARG A 127 -25.84 31.12 -8.95
C ARG A 127 -24.77 30.21 -9.55
N PRO A 128 -25.01 28.89 -9.65
CA PRO A 128 -24.21 28.02 -10.52
C PRO A 128 -24.46 28.40 -12.00
N VAL A 129 -23.43 28.89 -12.67
CA VAL A 129 -23.51 29.52 -14.03
C VAL A 129 -22.70 28.67 -15.02
N VAL A 130 -21.90 27.73 -14.54
CA VAL A 130 -21.04 26.86 -15.39
C VAL A 130 -21.13 25.43 -14.86
N LEU A 131 -21.49 24.51 -15.74
CA LEU A 131 -21.48 23.06 -15.44
C LEU A 131 -20.53 22.42 -16.46
N ALA A 132 -19.52 21.71 -15.99
CA ALA A 132 -18.54 21.02 -16.85
C ALA A 132 -18.42 19.58 -16.36
N GLU A 133 -18.31 18.63 -17.29
CA GLU A 133 -17.79 17.26 -16.99
C GLU A 133 -16.42 17.44 -16.34
N ALA A 134 -16.08 16.71 -15.28
CA ALA A 134 -14.96 17.06 -14.37
C ALA A 134 -13.84 15.99 -14.34
N ALA A 135 -14.12 14.73 -14.69
CA ALA A 135 -13.16 13.61 -14.55
C ALA A 135 -11.91 13.87 -15.40
N TYR A 136 -12.09 14.21 -16.67
CA TYR A 136 -10.99 14.53 -17.60
C TYR A 136 -10.21 15.73 -17.04
N LEU A 137 -10.93 16.78 -16.61
CA LEU A 137 -10.33 18.00 -16.03
C LEU A 137 -9.51 17.64 -14.80
N SER A 138 -9.95 16.65 -14.02
CA SER A 138 -9.22 16.19 -12.81
C SER A 138 -7.87 15.57 -13.22
N GLY A 139 -7.85 14.66 -14.20
CA GLY A 139 -6.62 14.06 -14.74
C GLY A 139 -5.67 15.12 -15.29
N LEU A 140 -6.23 16.16 -15.94
CA LEU A 140 -5.52 17.28 -16.57
C LEU A 140 -4.85 18.15 -15.50
N ARG A 141 -5.59 18.43 -14.43
CA ARG A 141 -5.09 19.20 -13.26
C ARG A 141 -3.82 18.54 -12.74
N THR A 142 -3.87 17.22 -12.51
CA THR A 142 -2.73 16.44 -11.96
C THR A 142 -1.53 16.55 -12.92
N ALA A 143 -1.76 16.32 -14.21
CA ALA A 143 -0.71 16.35 -15.27
C ALA A 143 -0.14 17.76 -15.39
N ALA A 144 -0.97 18.79 -15.25
CA ALA A 144 -0.53 20.19 -15.27
C ALA A 144 0.36 20.45 -14.05
N TYR A 145 0.02 19.88 -12.89
CA TYR A 145 0.86 20.04 -11.68
C TYR A 145 2.21 19.34 -11.91
N THR A 146 2.21 18.14 -12.51
CA THR A 146 3.44 17.40 -12.89
C THR A 146 4.34 18.28 -13.76
N MET A 147 3.77 18.90 -14.80
CA MET A 147 4.55 19.70 -15.78
C MET A 147 5.14 20.89 -15.03
N ALA A 148 4.34 21.57 -14.20
CA ALA A 148 4.82 22.71 -13.38
C ALA A 148 5.99 22.24 -12.51
N SER A 149 5.82 21.12 -11.80
CA SER A 149 6.87 20.54 -10.92
C SER A 149 8.17 20.29 -11.71
N LEU A 150 8.06 19.70 -12.91
CA LEU A 150 9.21 19.35 -13.78
C LEU A 150 9.89 20.62 -14.31
N ARG A 151 9.10 21.60 -14.74
CA ARG A 151 9.62 22.91 -15.22
C ARG A 151 10.63 23.45 -14.21
N HIS A 152 10.28 23.49 -12.93
CA HIS A 152 11.06 24.16 -11.86
C HIS A 152 11.97 23.19 -11.10
N LEU A 153 11.66 21.89 -11.04
CA LEU A 153 12.32 20.95 -10.09
C LEU A 153 12.93 19.73 -10.80
N GLY A 154 12.63 19.50 -12.07
CA GLY A 154 13.14 18.33 -12.80
C GLY A 154 14.53 18.62 -13.36
N PRO A 155 15.19 17.64 -14.03
CA PRO A 155 16.41 17.92 -14.76
C PRO A 155 16.16 18.97 -15.86
N VAL A 156 17.18 19.77 -16.18
CA VAL A 156 17.09 20.71 -17.33
C VAL A 156 17.45 19.91 -18.59
N GLY A 157 16.45 19.56 -19.39
CA GLY A 157 16.63 19.02 -20.76
C GLY A 157 16.45 17.51 -20.83
N PHE A 158 15.70 16.89 -19.93
CA PHE A 158 15.35 15.45 -19.99
C PHE A 158 14.61 15.16 -21.30
N ASP A 159 14.92 14.01 -21.90
CA ASP A 159 14.41 13.59 -23.23
C ASP A 159 13.63 12.27 -23.13
N ALA A 160 13.38 11.78 -21.92
CA ALA A 160 12.67 10.50 -21.71
C ALA A 160 11.88 10.56 -20.41
N VAL A 161 10.68 9.99 -20.43
CA VAL A 161 9.82 9.86 -19.22
C VAL A 161 9.41 8.40 -19.11
N SER A 162 9.41 7.91 -17.88
CA SER A 162 8.93 6.56 -17.49
C SER A 162 7.57 6.71 -16.81
N PHE A 163 6.65 5.79 -17.09
CA PHE A 163 5.29 5.70 -16.49
C PHE A 163 5.11 4.31 -15.90
N ILE A 164 4.63 4.23 -14.66
CA ILE A 164 4.06 2.98 -14.07
C ILE A 164 2.55 3.18 -14.01
N GLY A 165 1.80 2.34 -14.73
CA GLY A 165 0.35 2.50 -14.95
C GLY A 165 0.08 3.32 -16.20
N THR A 166 -0.62 2.74 -17.19
CA THR A 166 -0.78 3.32 -18.55
C THR A 166 -2.27 3.51 -18.86
N GLY A 167 -3.01 4.17 -17.96
CA GLY A 167 -4.45 4.44 -18.11
C GLY A 167 -4.72 5.84 -18.63
N ALA A 168 -5.90 6.37 -18.32
CA ALA A 168 -6.35 7.74 -18.69
C ALA A 168 -5.31 8.76 -18.22
N GLN A 169 -4.76 8.58 -17.03
CA GLN A 169 -3.82 9.55 -16.42
C GLN A 169 -2.50 9.58 -17.21
N ALA A 170 -2.03 8.44 -17.70
CA ALA A 170 -0.80 8.34 -18.53
C ALA A 170 -1.04 9.08 -19.85
N ARG A 171 -2.22 8.97 -20.46
CA ARG A 171 -2.54 9.59 -21.78
C ARG A 171 -2.50 11.13 -21.66
N VAL A 172 -3.13 11.69 -20.64
CA VAL A 172 -3.17 13.18 -20.44
C VAL A 172 -1.80 13.69 -19.98
N HIS A 173 -0.98 12.85 -19.34
CA HIS A 173 0.44 13.20 -19.06
C HIS A 173 1.20 13.23 -20.39
N ALA A 174 1.01 12.22 -21.24
CA ALA A 174 1.69 12.13 -22.56
C ALA A 174 1.31 13.32 -23.43
N ALA A 175 0.02 13.67 -23.47
CA ALA A 175 -0.49 14.87 -24.17
C ALA A 175 0.24 16.12 -23.68
N LEU A 176 0.38 16.33 -22.37
CA LEU A 176 0.99 17.59 -21.84
C LEU A 176 2.53 17.59 -22.03
N LEU A 177 3.17 16.42 -22.13
CA LEU A 177 4.62 16.33 -22.41
C LEU A 177 4.91 16.91 -23.80
N ALA A 178 4.07 16.57 -24.81
CA ALA A 178 4.17 17.01 -26.22
C ALA A 178 4.00 18.52 -26.30
N ARG A 179 3.21 19.12 -25.40
CA ARG A 179 3.00 20.60 -25.34
C ARG A 179 4.18 21.27 -24.63
N TYR A 180 4.60 20.77 -23.47
CA TYR A 180 5.51 21.51 -22.54
C TYR A 180 6.95 21.00 -22.55
N PHE A 181 7.21 19.77 -23.00
CA PHE A 181 8.55 19.13 -23.00
C PHE A 181 8.73 18.34 -24.28
N PRO A 182 8.81 19.03 -25.43
CA PRO A 182 8.92 18.38 -26.73
C PRO A 182 10.24 17.62 -26.98
N ALA A 183 11.28 17.88 -26.20
CA ALA A 183 12.53 17.09 -26.19
C ALA A 183 12.26 15.63 -25.78
N VAL A 184 11.16 15.37 -25.04
CA VAL A 184 10.75 13.98 -24.69
C VAL A 184 10.21 13.30 -25.95
N ARG A 185 10.97 12.32 -26.46
CA ARG A 185 10.67 11.52 -27.66
C ARG A 185 10.40 10.07 -27.29
N ASP A 186 10.66 9.68 -26.03
CA ASP A 186 10.70 8.27 -25.58
C ASP A 186 9.94 8.13 -24.25
N LEU A 187 8.95 7.25 -24.22
CA LEU A 187 8.17 6.94 -23.01
C LEU A 187 8.46 5.48 -22.65
N HIS A 188 8.92 5.27 -21.42
CA HIS A 188 9.22 3.92 -20.87
C HIS A 188 8.09 3.54 -19.92
N VAL A 189 7.29 2.52 -20.27
CA VAL A 189 6.05 2.21 -19.52
C VAL A 189 6.10 0.77 -18.97
N PHE A 190 5.58 0.59 -17.77
CA PHE A 190 5.18 -0.70 -17.17
C PHE A 190 3.75 -0.57 -16.66
N ASP A 191 2.92 -1.59 -16.90
CA ASP A 191 1.61 -1.75 -16.22
C ASP A 191 1.47 -3.23 -15.86
N THR A 192 1.05 -3.54 -14.62
CA THR A 192 0.84 -4.92 -14.10
C THR A 192 -0.14 -5.64 -15.03
N GLU A 193 -1.15 -4.92 -15.52
CA GLU A 193 -2.03 -5.38 -16.63
C GLU A 193 -1.30 -5.13 -17.95
N ARG A 194 -0.60 -6.15 -18.46
CA ARG A 194 0.33 -6.10 -19.63
C ARG A 194 -0.40 -5.54 -20.85
N SER A 195 -1.63 -5.98 -21.12
CA SER A 195 -2.43 -5.60 -22.32
C SER A 195 -2.61 -4.08 -22.39
N ARG A 196 -2.72 -3.43 -21.23
CA ARG A 196 -3.02 -1.97 -21.14
C ARG A 196 -1.74 -1.19 -21.46
N ALA A 197 -0.58 -1.76 -21.15
CA ALA A 197 0.76 -1.22 -21.51
C ALA A 197 0.97 -1.33 -23.02
N GLU A 198 0.54 -2.45 -23.63
CA GLU A 198 0.77 -2.73 -25.08
C GLU A 198 -0.07 -1.77 -25.94
N ALA A 199 -1.28 -1.40 -25.48
CA ALA A 199 -2.25 -0.53 -26.18
C ALA A 199 -1.86 0.96 -26.09
N PHE A 200 -1.04 1.32 -25.11
CA PHE A 200 -0.63 2.72 -24.83
C PHE A 200 0.25 3.23 -25.99
N THR A 201 -0.12 4.37 -26.58
CA THR A 201 0.56 4.97 -27.77
C THR A 201 1.14 6.35 -27.44
N GLY A 202 0.75 6.97 -26.32
CA GLY A 202 1.21 8.32 -25.94
C GLY A 202 0.80 9.35 -26.99
N ALA A 203 1.52 10.47 -27.06
CA ALA A 203 1.19 11.62 -27.94
C ALA A 203 2.46 12.13 -28.63
N GLY A 205 4.77 12.52 -31.33
CA GLY A 205 6.24 12.42 -31.43
C GLY A 205 6.85 11.62 -30.29
N HIS A 206 6.09 10.70 -29.70
CA HIS A 206 6.53 9.80 -28.59
C HIS A 206 6.69 8.39 -29.15
N THR A 207 7.83 7.74 -28.86
CA THR A 207 8.04 6.29 -29.05
C THR A 207 7.88 5.58 -27.70
N VAL A 208 6.93 4.64 -27.63
CA VAL A 208 6.56 3.92 -26.37
C VAL A 208 7.36 2.62 -26.30
N HIS A 209 8.19 2.46 -25.26
CA HIS A 209 8.94 1.22 -24.97
C HIS A 209 8.23 0.51 -23.82
N VAL A 210 7.74 -0.71 -24.05
CA VAL A 210 6.99 -1.50 -23.04
C VAL A 210 7.98 -2.40 -22.31
N HIS A 211 8.07 -2.25 -20.98
CA HIS A 211 9.03 -2.97 -20.12
C HIS A 211 8.32 -4.12 -19.37
N ASP A 212 9.03 -5.24 -19.23
CA ASP A 212 8.54 -6.47 -18.56
C ASP A 212 8.31 -6.17 -17.07
N THR A 213 9.13 -5.30 -16.49
CA THR A 213 9.18 -5.04 -15.02
C THR A 213 9.08 -3.53 -14.76
N ALA A 214 8.66 -3.16 -13.55
CA ALA A 214 8.55 -1.78 -13.05
C ALA A 214 9.96 -1.20 -12.90
N GLU A 215 10.86 -1.99 -12.31
CA GLU A 215 12.28 -1.59 -12.11
C GLU A 215 12.90 -1.12 -13.42
N ALA A 216 12.78 -1.93 -14.49
CA ALA A 216 13.37 -1.62 -15.82
C ALA A 216 12.74 -0.32 -16.36
N ALA A 217 11.44 -0.10 -16.16
CA ALA A 217 10.77 1.16 -16.58
C ALA A 217 11.42 2.34 -15.85
N VAL A 218 11.66 2.21 -14.56
CA VAL A 218 12.26 3.28 -13.69
C VAL A 218 13.71 3.57 -14.12
N ARG A 219 14.52 2.53 -14.28
CA ARG A 219 15.97 2.63 -14.61
C ARG A 219 16.16 3.24 -16.02
N ALA A 220 15.15 3.18 -16.90
CA ALA A 220 15.31 3.54 -18.34
C ALA A 220 15.31 5.05 -18.55
N SER A 221 15.05 5.87 -17.53
CA SER A 221 15.04 7.36 -17.63
C SER A 221 15.40 8.01 -16.30
N HIS A 222 15.51 9.33 -16.28
CA HIS A 222 15.76 10.15 -15.07
C HIS A 222 14.44 10.76 -14.57
N VAL A 223 13.30 10.40 -15.16
CA VAL A 223 12.00 11.02 -14.82
C VAL A 223 10.91 9.96 -14.70
N LEU A 224 10.37 9.76 -13.51
CA LEU A 224 9.30 8.76 -13.25
C LEU A 224 7.99 9.46 -12.87
N VAL A 225 6.86 8.98 -13.39
CA VAL A 225 5.49 9.37 -12.92
C VAL A 225 4.77 8.08 -12.55
N THR A 226 4.47 7.89 -11.27
CA THR A 226 3.72 6.72 -10.77
C THR A 226 2.24 7.06 -10.87
N LEU A 227 1.47 6.26 -11.63
CA LEU A 227 0.02 6.45 -11.89
C LEU A 227 -0.77 5.19 -11.49
N THR A 228 -0.30 4.44 -10.51
CA THR A 228 -0.87 3.13 -10.10
C THR A 228 -2.07 3.34 -9.18
N THR A 229 -2.80 2.27 -8.87
CA THR A 229 -3.86 2.25 -7.82
C THR A 229 -3.51 1.17 -6.79
N VAL A 230 -2.27 1.14 -6.29
CA VAL A 230 -1.80 0.06 -5.36
C VAL A 230 -1.77 0.60 -3.93
N ASP A 231 -1.81 -0.30 -2.96
CA ASP A 231 -1.75 -0.02 -1.51
C ASP A 231 -0.31 -0.28 -1.00
N ASP A 232 0.44 -1.18 -1.64
CA ASP A 232 1.71 -1.74 -1.12
C ASP A 232 2.90 -1.12 -1.86
N GLY A 233 3.73 -0.34 -1.15
CA GLY A 233 5.03 0.19 -1.62
C GLY A 233 5.93 -0.88 -2.20
N TYR A 234 6.82 -0.51 -3.13
CA TYR A 234 7.71 -1.46 -3.84
C TYR A 234 8.88 -0.77 -4.53
N ILE A 235 8.97 0.57 -4.57
CA ILE A 235 10.10 1.26 -5.26
C ILE A 235 11.15 1.65 -4.24
N PRO A 236 12.33 0.98 -4.25
CA PRO A 236 13.43 1.35 -3.37
C PRO A 236 14.26 2.47 -3.99
N HIS A 237 15.03 3.16 -3.15
CA HIS A 237 15.97 4.23 -3.55
C HIS A 237 16.88 3.76 -4.70
N ASP A 238 17.30 2.49 -4.66
CA ASP A 238 18.36 1.91 -5.53
C ASP A 238 17.92 1.84 -7.01
N TRP A 239 16.63 1.97 -7.32
CA TRP A 239 16.11 1.89 -8.71
C TRP A 239 16.38 3.20 -9.45
N PHE A 240 16.57 4.30 -8.73
CA PHE A 240 16.76 5.63 -9.33
C PHE A 240 18.22 5.78 -9.77
N ARG A 241 18.41 6.34 -10.96
CA ARG A 241 19.69 6.90 -11.40
C ARG A 241 20.01 8.12 -10.53
N PRO A 242 21.30 8.41 -10.29
CA PRO A 242 21.70 9.72 -9.78
C PRO A 242 21.11 10.79 -10.71
N GLY A 243 20.64 11.91 -10.16
CA GLY A 243 20.03 13.01 -10.93
C GLY A 243 18.67 12.62 -11.48
N SER A 244 17.81 12.03 -10.64
CA SER A 244 16.46 11.55 -11.03
C SER A 244 15.38 12.40 -10.37
N PHE A 245 14.19 12.31 -10.93
CA PHE A 245 12.97 13.00 -10.43
C PHE A 245 11.85 11.96 -10.41
N VAL A 246 11.00 12.02 -9.39
CA VAL A 246 9.75 11.20 -9.34
C VAL A 246 8.58 12.12 -8.99
N ALA A 247 7.56 12.12 -9.85
CA ALA A 247 6.21 12.69 -9.56
C ALA A 247 5.37 11.55 -9.01
N HIS A 248 5.25 11.50 -7.69
CA HIS A 248 4.54 10.46 -6.90
C HIS A 248 3.04 10.73 -6.93
N VAL A 249 2.41 10.66 -8.10
CA VAL A 249 0.97 11.02 -8.25
C VAL A 249 0.12 10.01 -7.47
N SER A 250 0.47 8.73 -7.55
CA SER A 250 -0.29 7.59 -6.99
C SER A 250 -0.07 7.46 -5.46
N LEU A 251 0.98 8.08 -4.91
CA LEU A 251 1.18 8.39 -3.46
C LEU A 251 1.52 7.16 -2.59
N ASP A 252 1.58 5.94 -3.13
CA ASP A 252 1.86 4.74 -2.29
C ASP A 252 2.87 3.78 -2.96
N ASP A 253 3.61 4.24 -3.96
CA ASP A 253 4.56 3.39 -4.74
C ASP A 253 5.93 3.41 -4.08
N LEU A 254 6.36 4.56 -3.57
CA LEU A 254 7.73 4.77 -3.03
C LEU A 254 7.84 4.15 -1.64
N LEU A 255 8.94 3.45 -1.38
CA LEU A 255 9.27 2.92 -0.03
C LEU A 255 9.76 4.05 0.87
N PRO A 256 9.55 3.95 2.19
CA PRO A 256 9.97 4.99 3.14
C PRO A 256 11.37 5.58 2.91
N GLU A 257 12.37 4.74 2.62
CA GLU A 257 13.79 5.14 2.45
C GLU A 257 13.92 6.18 1.33
N VAL A 258 13.01 6.18 0.35
CA VAL A 258 13.11 7.11 -0.82
C VAL A 258 12.92 8.55 -0.30
N PHE A 259 12.00 8.74 0.64
CA PHE A 259 11.72 10.07 1.24
C PHE A 259 12.92 10.50 2.10
N PHE A 260 13.42 9.60 2.96
CA PHE A 260 14.56 9.87 3.89
C PHE A 260 15.87 10.09 3.11
N LYS A 261 16.06 9.47 1.93
CA LYS A 261 17.33 9.56 1.16
C LYS A 261 17.21 10.58 0.02
N SER A 262 16.03 11.19 -0.15
CA SER A 262 15.75 12.19 -1.22
C SER A 262 16.79 13.32 -1.16
N GLU A 263 17.30 13.74 -2.32
CA GLU A 263 18.11 14.98 -2.50
C GLU A 263 17.24 16.18 -2.11
N ALA A 264 15.94 16.08 -2.36
CA ALA A 264 14.93 17.10 -1.99
C ALA A 264 13.55 16.46 -2.09
N LEU A 265 12.55 17.05 -1.44
CA LEU A 265 11.18 16.49 -1.32
C LEU A 265 10.20 17.66 -1.28
N PHE A 266 9.42 17.84 -2.35
CA PHE A 266 8.45 18.95 -2.49
C PHE A 266 7.04 18.39 -2.43
N VAL A 267 6.15 19.12 -1.75
CA VAL A 267 4.71 18.76 -1.63
C VAL A 267 3.90 19.88 -2.26
N ASP A 268 2.57 19.73 -2.31
CA ASP A 268 1.65 20.83 -2.71
C ASP A 268 1.16 21.54 -1.44
N ASP A 269 0.67 20.76 -0.47
CA ASP A 269 0.08 21.28 0.79
C ASP A 269 0.39 20.27 1.90
N LEU A 270 1.27 20.63 2.84
CA LEU A 270 1.85 19.69 3.82
C LEU A 270 0.78 19.26 4.82
N GLU A 271 -0.20 20.13 5.08
CA GLU A 271 -1.29 19.91 6.06
C GLU A 271 -2.26 18.88 5.48
N LEU A 272 -2.55 18.95 4.17
CA LEU A 272 -3.38 17.93 3.49
C LEU A 272 -2.65 16.57 3.59
N ILE A 273 -1.34 16.54 3.32
CA ILE A 273 -0.54 15.28 3.38
C ILE A 273 -0.58 14.75 4.81
N ARG A 274 -0.41 15.63 5.80
CA ARG A 274 -0.29 15.23 7.22
C ARG A 274 -1.61 14.62 7.70
N GLU A 275 -2.73 15.17 7.23
CA GLU A 275 -4.10 14.74 7.59
C GLU A 275 -4.46 13.39 6.97
N ASN A 276 -3.70 12.87 6.00
CA ASN A 276 -4.04 11.58 5.31
C ASN A 276 -2.93 10.56 5.59
N PRO A 277 -2.76 10.13 6.87
CA PRO A 277 -1.69 9.22 7.25
C PRO A 277 -1.78 7.77 6.76
N ARG A 278 -2.85 7.35 6.08
CA ARG A 278 -2.82 6.03 5.39
C ARG A 278 -1.77 6.07 4.26
N ARG A 279 -1.46 7.24 3.68
CA ARG A 279 -0.48 7.39 2.58
C ARG A 279 0.92 7.54 3.20
N VAL A 280 1.92 6.97 2.53
CA VAL A 280 3.26 6.75 3.14
C VAL A 280 3.84 8.09 3.65
N LEU A 281 3.82 9.18 2.89
CA LEU A 281 4.42 10.44 3.39
C LEU A 281 3.68 10.90 4.66
N GLY A 282 2.35 10.79 4.69
CA GLY A 282 1.56 11.14 5.89
C GLY A 282 1.94 10.26 7.08
N ALA A 283 2.11 8.96 6.84
CA ALA A 283 2.53 7.96 7.84
C ALA A 283 3.87 8.39 8.45
N LEU A 284 4.88 8.64 7.61
CA LEU A 284 6.24 9.04 8.02
C LEU A 284 6.18 10.34 8.85
N LEU A 285 5.34 11.30 8.48
CA LEU A 285 5.18 12.58 9.22
C LEU A 285 4.64 12.29 10.62
N ALA A 286 3.77 11.29 10.77
CA ALA A 286 3.20 10.85 12.06
C ALA A 286 4.29 10.26 12.97
N ASP A 287 5.31 9.64 12.39
CA ASP A 287 6.41 8.91 13.07
C ASP A 287 7.53 9.84 13.52
N GLY A 288 7.59 11.06 12.99
CA GLY A 288 8.64 12.04 13.35
C GLY A 288 8.99 12.94 12.17
N ASP A 289 10.16 13.58 12.28
CA ASP A 289 10.73 14.50 11.27
C ASP A 289 11.00 13.73 9.97
N VAL A 290 10.67 14.39 8.85
CA VAL A 290 10.91 13.95 7.44
C VAL A 290 11.56 15.13 6.71
N PRO A 291 12.59 14.91 5.86
CA PRO A 291 13.30 16.02 5.22
C PRO A 291 12.52 16.68 4.07
N VAL A 292 11.34 17.24 4.35
CA VAL A 292 10.50 18.01 3.39
C VAL A 292 11.20 19.34 3.13
N THR A 293 11.52 19.63 1.86
CA THR A 293 12.24 20.86 1.43
C THR A 293 11.25 22.02 1.40
N GLY A 294 10.03 21.77 0.93
CA GLY A 294 8.93 22.75 0.94
C GLY A 294 7.83 22.36 -0.01
N SER A 295 7.05 23.35 -0.46
CA SER A 295 5.97 23.19 -1.45
C SER A 295 6.38 23.84 -2.76
N LEU A 296 5.79 23.38 -3.87
CA LEU A 296 5.96 24.00 -5.22
C LEU A 296 5.53 25.47 -5.16
N GLY A 297 4.50 25.78 -4.38
CA GLY A 297 4.02 27.17 -4.13
C GLY A 297 5.13 28.06 -3.59
N GLY A 298 5.78 27.64 -2.51
CA GLY A 298 6.98 28.29 -1.94
C GLY A 298 8.06 28.52 -2.98
N VAL A 299 8.29 27.54 -3.86
CA VAL A 299 9.26 27.69 -4.98
C VAL A 299 8.79 28.83 -5.88
N LEU A 300 7.50 28.89 -6.22
CA LEU A 300 6.96 29.84 -7.24
C LEU A 300 7.00 31.28 -6.68
N THR A 301 6.82 31.45 -5.37
CA THR A 301 6.75 32.78 -4.71
C THR A 301 8.16 33.24 -4.32
N GLY A 302 9.16 32.35 -4.41
CA GLY A 302 10.56 32.63 -4.06
C GLY A 302 10.83 32.43 -2.57
N ALA A 303 9.89 31.86 -1.82
CA ALA A 303 9.98 31.62 -0.35
C ALA A 303 10.83 30.39 -0.04
N VAL A 304 10.97 29.42 -0.95
CA VAL A 304 11.96 28.32 -0.82
C VAL A 304 12.69 28.22 -2.16
N ALA A 305 14.00 27.97 -2.14
CA ALA A 305 14.87 27.80 -3.32
C ALA A 305 14.52 26.50 -4.01
N PRO A 306 14.42 26.46 -5.36
CA PRO A 306 14.25 25.21 -6.08
C PRO A 306 15.51 24.34 -5.95
N VAL A 307 15.35 23.02 -5.97
CA VAL A 307 16.46 22.02 -5.97
C VAL A 307 16.19 21.08 -7.14
N ARG A 308 17.11 21.03 -8.11
CA ARG A 308 17.07 20.13 -9.28
C ARG A 308 17.94 18.93 -8.98
N PRO A 309 17.64 17.75 -9.57
CA PRO A 309 18.43 16.55 -9.31
C PRO A 309 19.89 16.74 -9.71
N ARG A 310 20.83 16.25 -8.91
CA ARG A 310 22.28 16.13 -9.25
C ARG A 310 22.78 14.74 -8.86
N ASP A 311 22.85 14.43 -7.57
CA ASP A 311 23.48 13.19 -7.02
C ASP A 311 22.44 12.11 -6.73
N GLY A 312 21.23 12.52 -6.31
CA GLY A 312 20.20 11.59 -5.81
C GLY A 312 18.90 11.78 -6.56
N VAL A 313 17.78 11.66 -5.85
CA VAL A 313 16.41 11.75 -6.43
C VAL A 313 15.65 12.87 -5.75
N VAL A 314 15.04 13.74 -6.55
CA VAL A 314 14.12 14.81 -6.09
C VAL A 314 12.72 14.20 -6.15
N VAL A 315 11.99 14.21 -5.03
CA VAL A 315 10.62 13.64 -4.91
C VAL A 315 9.61 14.78 -4.82
N SER A 316 8.60 14.77 -5.70
CA SER A 316 7.36 15.59 -5.62
C SER A 316 6.23 14.66 -5.16
N ASN A 317 5.59 14.97 -4.02
CA ASN A 317 4.50 14.13 -3.43
C ASN A 317 3.30 15.06 -3.29
N PRO A 318 2.52 15.31 -4.36
CA PRO A 318 1.33 16.16 -4.29
C PRO A 318 0.10 15.35 -3.88
N PHE A 319 -0.67 15.83 -2.91
CA PHE A 319 -1.91 15.14 -2.46
C PHE A 319 -3.04 15.45 -3.43
N GLY A 320 -2.99 16.60 -4.11
CA GLY A 320 -4.04 17.09 -5.02
C GLY A 320 -4.98 18.03 -4.30
N MET A 321 -5.35 19.15 -4.91
CA MET A 321 -6.18 20.21 -4.28
C MET A 321 -7.28 20.62 -5.26
N ALA A 322 -8.54 20.57 -4.82
CA ALA A 322 -9.71 20.88 -5.68
C ALA A 322 -9.69 22.37 -6.10
N VAL A 323 -8.99 23.24 -5.36
CA VAL A 323 -8.83 24.67 -5.77
C VAL A 323 -8.15 24.77 -7.15
N LEU A 324 -7.29 23.83 -7.52
CA LEU A 324 -6.60 23.84 -8.84
C LEU A 324 -7.65 23.59 -9.95
N ASP A 325 -8.63 22.71 -9.70
CA ASP A 325 -9.70 22.37 -10.67
C ASP A 325 -10.66 23.55 -10.86
N VAL A 326 -10.96 24.27 -9.79
CA VAL A 326 -11.84 25.47 -9.84
C VAL A 326 -11.14 26.55 -10.68
N GLY A 327 -9.88 26.86 -10.34
CA GLY A 327 -8.97 27.68 -11.16
C GLY A 327 -9.00 27.29 -12.64
N LEU A 328 -8.73 26.03 -12.96
CA LEU A 328 -8.71 25.53 -14.36
C LEU A 328 -10.09 25.67 -15.01
N LEU A 329 -11.17 25.35 -14.32
CA LEU A 329 -12.56 25.45 -14.85
C LEU A 329 -12.88 26.91 -15.25
N ALA A 330 -12.45 27.89 -14.44
CA ALA A 330 -12.64 29.34 -14.69
C ALA A 330 -11.90 29.79 -15.96
N GLU A 331 -10.64 29.38 -16.15
CA GLU A 331 -9.88 29.65 -17.41
C GLU A 331 -10.58 28.96 -18.59
N VAL A 332 -11.06 27.73 -18.40
CA VAL A 332 -11.72 26.89 -19.46
C VAL A 332 -13.04 27.54 -19.90
N ALA A 333 -13.81 28.06 -18.94
CA ALA A 333 -15.12 28.72 -19.17
C ALA A 333 -14.89 30.03 -19.94
N ALA A 334 -13.93 30.84 -19.52
CA ALA A 334 -13.60 32.14 -20.16
C ALA A 334 -13.24 31.88 -21.63
N HIS A 335 -12.41 30.87 -21.90
CA HIS A 335 -12.06 30.46 -23.29
C HIS A 335 -13.31 29.98 -24.04
N ALA A 336 -14.24 29.29 -23.38
CA ALA A 336 -15.50 28.81 -24.00
C ALA A 336 -16.37 30.01 -24.41
N ARG A 337 -16.47 31.02 -23.52
CA ARG A 337 -17.27 32.25 -23.78
C ARG A 337 -16.66 32.97 -25.00
N SER A 338 -15.34 33.15 -25.02
CA SER A 338 -14.65 33.95 -26.08
C SER A 338 -14.51 33.16 -27.39
N ALA A 339 -14.68 31.83 -27.37
CA ALA A 339 -14.58 30.96 -28.58
C ALA A 339 -15.96 30.52 -29.09
N GLY A 340 -17.05 30.90 -28.41
CA GLY A 340 -18.43 30.45 -28.73
C GLY A 340 -18.59 28.94 -28.63
N LEU A 341 -18.05 28.31 -27.58
CA LEU A 341 -18.14 26.82 -27.39
C LEU A 341 -19.16 26.49 -26.29
N GLY A 342 -19.62 25.24 -26.30
CA GLY A 342 -20.61 24.71 -25.33
C GLY A 342 -22.03 25.14 -25.68
N THR A 343 -22.99 24.78 -24.83
CA THR A 343 -24.44 25.07 -25.01
C THR A 343 -24.97 25.76 -23.75
N THR A 344 -25.90 26.70 -23.90
CA THR A 344 -26.65 27.31 -22.77
C THR A 344 -27.83 26.40 -22.43
N LEU A 345 -27.95 26.00 -21.17
CA LEU A 345 -29.14 25.31 -20.59
C LEU A 345 -30.02 26.35 -19.94
N ASP A 346 -31.29 26.40 -20.36
CA ASP A 346 -32.36 27.14 -19.64
C ASP A 346 -32.74 26.28 -18.42
N LEU A 347 -32.51 26.76 -17.20
CA LEU A 347 -32.83 26.03 -15.95
C LEU A 347 -34.34 26.09 -15.66
N LEU A 348 -35.01 27.15 -16.12
CA LEU A 348 -36.47 27.40 -15.87
C LEU A 348 -37.31 26.70 -16.94
N GLY A 349 -37.20 27.14 -18.20
CA GLY A 349 -37.90 26.56 -19.36
C GLY A 349 -39.32 27.08 -19.52
N ALA A 350 -39.69 28.16 -18.82
CA ALA A 350 -41.01 28.83 -18.91
C ALA A 350 -42.04 27.89 -19.54
N SER B 24 -17.52 4.42 33.89
CA SER B 24 -17.26 4.67 32.44
C SER B 24 -16.27 3.63 31.91
N GLU B 25 -16.72 2.76 30.99
CA GLU B 25 -15.91 1.67 30.39
C GLU B 25 -15.67 2.00 28.91
N GLU B 26 -14.78 2.95 28.65
CA GLU B 26 -14.40 3.38 27.28
C GLU B 26 -13.48 2.30 26.68
N LEU B 27 -13.41 2.26 25.36
CA LEU B 27 -12.73 1.20 24.58
C LEU B 27 -12.41 1.74 23.18
N LEU B 28 -11.13 2.01 22.90
CA LEU B 28 -10.63 2.42 21.56
C LEU B 28 -10.90 1.27 20.58
N PHE B 29 -11.80 1.48 19.60
CA PHE B 29 -12.14 0.52 18.52
C PHE B 29 -11.45 0.89 17.20
N LEU B 30 -10.64 -0.04 16.65
CA LEU B 30 -9.90 0.12 15.38
C LEU B 30 -10.39 -0.92 14.37
N ASP B 31 -11.20 -0.50 13.39
CA ASP B 31 -11.63 -1.33 12.24
C ASP B 31 -10.38 -1.64 11.40
N ARG B 32 -10.49 -2.49 10.38
CA ARG B 32 -9.32 -2.94 9.59
C ARG B 32 -8.64 -1.75 8.91
N GLU B 33 -9.42 -0.91 8.20
CA GLU B 33 -8.91 0.27 7.43
C GLU B 33 -8.10 1.17 8.36
N THR B 34 -8.56 1.32 9.62
CA THR B 34 -7.86 2.14 10.65
C THR B 34 -6.54 1.47 11.00
N VAL B 35 -6.53 0.15 11.06
CA VAL B 35 -5.30 -0.66 11.34
C VAL B 35 -4.34 -0.51 10.16
N ARG B 36 -4.82 -0.69 8.92
CA ARG B 36 -4.01 -0.53 7.67
C ARG B 36 -3.31 0.83 7.69
N ALA B 37 -4.06 1.89 8.03
CA ALA B 37 -3.61 3.30 8.13
C ALA B 37 -2.51 3.47 9.18
N CYS B 38 -2.75 3.02 10.42
CA CYS B 38 -1.79 3.09 11.54
C CYS B 38 -0.52 2.30 11.22
N VAL B 39 -0.64 1.16 10.52
CA VAL B 39 0.48 0.22 10.18
C VAL B 39 1.38 0.84 9.10
N ALA B 40 0.78 1.54 8.14
CA ALA B 40 1.47 2.23 7.04
C ALA B 40 2.81 2.78 7.55
N GLY B 41 2.82 3.38 8.75
CA GLY B 41 3.99 4.07 9.34
C GLY B 41 4.78 3.26 10.35
N VAL B 42 4.52 1.96 10.54
CA VAL B 42 5.34 1.14 11.47
C VAL B 42 6.26 0.23 10.63
N ASP B 43 7.38 -0.21 11.22
CA ASP B 43 8.31 -1.23 10.66
C ASP B 43 7.98 -2.54 11.35
N PRO B 44 7.08 -3.37 10.77
CA PRO B 44 6.59 -4.56 11.48
C PRO B 44 7.73 -5.56 11.78
N VAL B 45 8.74 -5.62 10.92
CA VAL B 45 9.91 -6.53 11.12
C VAL B 45 10.66 -6.10 12.38
N GLU B 46 10.94 -4.81 12.54
CA GLU B 46 11.62 -4.20 13.72
C GLU B 46 10.84 -4.50 15.00
N VAL B 47 9.50 -4.41 14.98
CA VAL B 47 8.64 -4.69 16.17
C VAL B 47 8.78 -6.17 16.54
N VAL B 48 8.61 -7.07 15.58
CA VAL B 48 8.79 -8.54 15.77
C VAL B 48 10.18 -8.82 16.37
N GLU B 49 11.25 -8.32 15.74
CA GLU B 49 12.64 -8.54 16.22
C GLU B 49 12.77 -8.10 17.68
N SER B 50 12.26 -6.91 18.02
CA SER B 50 12.24 -6.32 19.39
C SER B 50 11.60 -7.33 20.35
N VAL B 51 10.41 -7.84 19.99
CA VAL B 51 9.61 -8.71 20.90
C VAL B 51 10.34 -10.04 21.05
N LEU B 52 10.90 -10.59 19.98
CA LEU B 52 11.73 -11.83 20.04
C LEU B 52 12.90 -11.62 20.99
N ARG B 53 13.57 -10.46 20.96
CA ARG B 53 14.74 -10.19 21.86
C ARG B 53 14.22 -10.14 23.30
N SER B 54 13.12 -9.44 23.56
CA SER B 54 12.39 -9.43 24.85
C SER B 54 12.07 -10.87 25.29
N HIS B 55 11.50 -11.69 24.42
CA HIS B 55 11.06 -13.08 24.75
C HIS B 55 12.29 -13.91 25.15
N ALA B 56 13.37 -13.84 24.37
CA ALA B 56 14.66 -14.53 24.62
C ALA B 56 15.25 -14.14 25.98
N ALA B 57 15.01 -12.93 26.47
CA ALA B 57 15.49 -12.43 27.80
C ALA B 57 14.46 -12.67 28.92
N GLY B 58 13.43 -13.48 28.68
CA GLY B 58 12.39 -13.82 29.67
C GLY B 58 11.59 -12.61 30.11
N ARG B 59 11.48 -11.57 29.27
CA ARG B 59 10.77 -10.32 29.60
C ARG B 59 9.42 -10.30 28.87
N THR B 60 8.84 -11.48 28.68
CA THR B 60 7.48 -11.70 28.14
C THR B 60 6.78 -12.68 29.07
N THR B 61 5.45 -12.78 28.98
CA THR B 61 4.68 -13.94 29.50
C THR B 61 3.89 -14.48 28.33
N LEU B 62 4.08 -15.77 28.03
CA LEU B 62 3.43 -16.46 26.90
C LEU B 62 2.63 -17.64 27.44
N PRO B 63 1.37 -17.45 27.91
CA PRO B 63 0.59 -18.58 28.42
C PRO B 63 0.25 -19.60 27.32
N ALA B 64 -0.22 -20.78 27.75
CA ALA B 64 -0.83 -21.79 26.84
C ALA B 64 -2.02 -21.14 26.13
N GLU B 65 -2.30 -21.58 24.90
CA GLU B 65 -3.39 -21.03 24.05
C GLU B 65 -4.70 -21.70 24.43
N GLY B 66 -5.78 -20.92 24.52
CA GLY B 66 -7.17 -21.40 24.50
C GLY B 66 -7.52 -21.96 23.13
N TYR B 67 -8.08 -23.17 23.09
CA TYR B 67 -8.38 -23.95 21.87
C TYR B 67 -9.76 -24.60 21.99
N LEU B 68 -10.66 -24.20 21.08
CA LEU B 68 -12.02 -24.78 20.90
C LEU B 68 -12.20 -25.24 19.45
N PRO B 69 -12.00 -26.54 19.15
CA PRO B 69 -12.29 -27.09 17.83
C PRO B 69 -13.75 -27.56 17.72
N TRP B 70 -14.34 -27.53 16.52
CA TRP B 70 -15.66 -28.14 16.22
C TRP B 70 -15.78 -28.36 14.71
N GLU B 71 -16.78 -29.14 14.28
CA GLU B 71 -17.14 -29.36 12.85
C GLU B 71 -18.47 -28.67 12.58
N ASN B 72 -18.61 -28.01 11.42
CA ASN B 72 -19.83 -27.25 11.04
C ASN B 72 -20.76 -28.18 10.25
N ASP B 73 -21.93 -27.66 9.85
CA ASP B 73 -23.00 -28.37 9.10
C ASP B 73 -22.40 -29.17 7.94
N GLN B 74 -21.50 -28.56 7.18
CA GLN B 74 -20.90 -29.13 5.94
C GLN B 74 -19.60 -29.87 6.29
N GLY B 75 -19.47 -30.39 7.52
CA GLY B 75 -18.38 -31.29 7.96
C GLY B 75 -16.99 -30.68 7.86
N ALA B 76 -16.88 -29.35 7.84
CA ALA B 76 -15.58 -28.62 7.78
C ALA B 76 -15.06 -28.39 9.21
N TYR B 77 -13.77 -28.63 9.42
CA TYR B 77 -13.02 -28.29 10.66
C TYR B 77 -13.09 -26.78 10.86
N CYS B 78 -13.70 -26.36 11.97
CA CYS B 78 -13.67 -24.99 12.53
C CYS B 78 -12.87 -25.01 13.83
N ARG B 79 -12.29 -23.87 14.20
CA ARG B 79 -11.59 -23.66 15.49
C ARG B 79 -11.74 -22.19 15.89
N SER B 80 -11.78 -21.94 17.20
CA SER B 80 -11.42 -20.64 17.82
C SER B 80 -10.13 -20.85 18.63
N ILE B 81 -9.19 -19.93 18.48
CA ILE B 81 -7.96 -19.88 19.33
C ILE B 81 -7.92 -18.53 20.05
N ALA B 82 -7.80 -18.55 21.37
CA ALA B 82 -7.61 -17.38 22.24
C ALA B 82 -6.19 -17.43 22.82
N MET B 83 -5.32 -16.56 22.33
CA MET B 83 -3.89 -16.57 22.71
C MET B 83 -3.52 -15.23 23.36
N LEU B 84 -3.12 -15.31 24.64
CA LEU B 84 -2.76 -14.17 25.51
C LEU B 84 -1.24 -14.01 25.48
N GLY B 85 -0.76 -12.80 25.76
CA GLY B 85 0.67 -12.50 25.90
C GLY B 85 0.89 -11.19 26.60
N ALA B 86 2.03 -11.06 27.28
CA ALA B 86 2.56 -9.82 27.86
C ALA B 86 3.95 -9.56 27.28
N VAL B 87 4.27 -8.30 26.99
CA VAL B 87 5.63 -7.87 26.53
C VAL B 87 6.03 -6.66 27.37
N ASP B 88 7.19 -6.75 28.02
CA ASP B 88 7.81 -5.67 28.83
C ASP B 88 8.99 -5.11 28.05
N GLY B 89 8.81 -3.98 27.35
CA GLY B 89 9.90 -3.35 26.58
C GLY B 89 9.58 -1.96 26.06
N GLU B 90 9.91 -1.74 24.77
CA GLU B 90 9.67 -0.52 23.94
C GLU B 90 8.88 0.54 24.73
N ARG B 91 7.58 0.34 24.96
CA ARG B 91 6.68 1.33 25.63
C ARG B 91 6.15 0.75 26.94
N GLY B 92 7.00 0.00 27.65
CA GLY B 92 6.70 -0.57 28.97
C GLY B 92 5.84 -1.83 28.89
N PRO B 93 5.41 -2.40 30.04
CA PRO B 93 4.64 -3.63 30.06
C PRO B 93 3.34 -3.48 29.24
N THR B 94 3.14 -4.40 28.29
CA THR B 94 1.95 -4.51 27.42
C THR B 94 1.29 -5.85 27.66
N TYR B 95 -0.04 -5.86 27.68
CA TYR B 95 -0.89 -7.06 27.96
C TYR B 95 -2.04 -7.08 26.94
N GLY B 96 -2.30 -8.25 26.37
CA GLY B 96 -3.36 -8.39 25.37
C GLY B 96 -3.68 -9.81 24.99
N ILE B 97 -4.57 -9.96 24.02
CA ILE B 97 -5.10 -11.26 23.56
C ILE B 97 -5.39 -11.12 22.07
N LYS B 98 -5.15 -12.19 21.32
CA LYS B 98 -5.63 -12.33 19.92
C LYS B 98 -6.64 -13.48 19.90
N LEU B 99 -7.86 -13.18 19.48
CA LEU B 99 -8.94 -14.16 19.23
C LEU B 99 -9.05 -14.33 17.71
N ILE B 100 -8.51 -15.42 17.17
CA ILE B 100 -8.50 -15.70 15.70
C ILE B 100 -9.22 -17.02 15.47
N ASN B 101 -10.30 -16.95 14.69
CA ASN B 101 -11.24 -18.05 14.41
C ASN B 101 -11.11 -18.42 12.92
N ALA B 102 -11.23 -19.70 12.60
CA ALA B 102 -11.06 -20.21 11.22
C ALA B 102 -12.01 -21.39 10.97
N ALA B 103 -12.59 -21.43 9.77
CA ALA B 103 -13.29 -22.58 9.17
C ALA B 103 -12.64 -22.89 7.82
N VAL B 104 -12.44 -24.18 7.51
CA VAL B 104 -11.86 -24.63 6.21
C VAL B 104 -12.88 -24.38 5.09
N SER B 105 -14.18 -24.35 5.45
CA SER B 105 -15.34 -24.07 4.55
C SER B 105 -15.30 -22.66 3.95
N ASN B 106 -14.68 -21.68 4.61
CA ASN B 106 -14.91 -20.23 4.35
C ASN B 106 -14.51 -19.87 2.92
N PRO B 107 -13.34 -20.34 2.39
CA PRO B 107 -12.93 -20.01 1.03
C PRO B 107 -14.01 -20.40 0.01
N SER B 108 -14.62 -21.58 0.19
CA SER B 108 -15.57 -22.22 -0.74
C SER B 108 -16.90 -21.44 -0.81
N ILE B 109 -17.12 -20.47 0.08
CA ILE B 109 -18.28 -19.52 0.03
C ILE B 109 -17.75 -18.09 -0.08
N GLY B 110 -16.50 -17.93 -0.54
CA GLY B 110 -15.85 -16.63 -0.85
C GLY B 110 -15.56 -15.79 0.38
N LEU B 111 -15.22 -16.41 1.52
CA LEU B 111 -14.80 -15.71 2.76
C LEU B 111 -13.34 -16.02 3.04
N ASP B 112 -12.59 -15.06 3.57
CA ASP B 112 -11.28 -15.30 4.24
C ASP B 112 -11.44 -16.46 5.25
N ARG B 113 -10.50 -17.40 5.24
CA ARG B 113 -10.44 -18.55 6.20
C ARG B 113 -10.61 -18.02 7.62
N ALA B 114 -9.78 -17.04 7.99
CA ALA B 114 -9.57 -16.56 9.37
C ALA B 114 -10.16 -15.14 9.56
N GLY B 115 -10.70 -14.91 10.75
CA GLY B 115 -11.23 -13.60 11.18
C GLY B 115 -11.22 -13.52 12.69
N GLY B 116 -11.26 -12.31 13.25
CA GLY B 116 -11.28 -12.14 14.70
C GLY B 116 -10.75 -10.80 15.14
N CYS B 117 -10.43 -10.69 16.43
CA CYS B 117 -10.19 -9.41 17.14
C CYS B 117 -9.04 -9.54 18.12
N GLY B 118 -8.41 -8.40 18.39
CA GLY B 118 -7.36 -8.25 19.40
C GLY B 118 -7.77 -7.24 20.45
N PHE B 119 -7.30 -7.44 21.67
CA PHE B 119 -7.47 -6.49 22.80
C PHE B 119 -6.10 -6.16 23.38
N LEU B 120 -5.91 -4.92 23.77
CA LEU B 120 -4.88 -4.56 24.77
C LEU B 120 -5.59 -4.37 26.10
N PHE B 121 -4.96 -4.79 27.20
CA PHE B 121 -5.48 -4.55 28.57
C PHE B 121 -4.67 -3.43 29.22
N ASP B 122 -5.36 -2.58 29.99
CA ASP B 122 -4.74 -1.52 30.83
C ASP B 122 -3.82 -2.23 31.82
N PRO B 123 -2.52 -1.88 31.90
CA PRO B 123 -1.60 -2.59 32.79
C PRO B 123 -1.97 -2.50 34.28
N ARG B 124 -2.68 -1.45 34.71
CA ARG B 124 -2.98 -1.24 36.16
C ARG B 124 -4.36 -1.82 36.54
N THR B 125 -5.37 -1.72 35.67
CA THR B 125 -6.79 -2.13 35.92
C THR B 125 -7.12 -3.46 35.24
N ALA B 126 -6.31 -3.91 34.28
CA ALA B 126 -6.53 -5.13 33.46
C ALA B 126 -7.74 -4.98 32.53
N ARG B 127 -8.50 -3.88 32.58
CA ARG B 127 -9.68 -3.66 31.71
C ARG B 127 -9.24 -3.66 30.24
N PRO B 128 -10.01 -4.32 29.33
CA PRO B 128 -9.82 -4.13 27.89
C PRO B 128 -10.03 -2.66 27.50
N VAL B 129 -9.06 -2.04 26.81
CA VAL B 129 -9.07 -0.58 26.48
C VAL B 129 -8.85 -0.34 24.98
N VAL B 130 -8.43 -1.36 24.22
CA VAL B 130 -8.29 -1.30 22.73
C VAL B 130 -8.92 -2.57 22.17
N LEU B 131 -9.78 -2.42 21.17
CA LEU B 131 -10.34 -3.52 20.34
C LEU B 131 -9.97 -3.22 18.89
N ALA B 132 -9.43 -4.21 18.18
CA ALA B 132 -9.02 -4.08 16.77
C ALA B 132 -9.50 -5.31 16.00
N GLU B 133 -9.91 -5.12 14.75
CA GLU B 133 -9.91 -6.21 13.76
C GLU B 133 -8.48 -6.77 13.77
N ALA B 134 -8.31 -8.08 13.63
CA ALA B 134 -7.04 -8.78 13.95
C ALA B 134 -6.55 -9.68 12.80
N ALA B 135 -7.39 -10.01 11.82
CA ALA B 135 -7.05 -11.01 10.78
C ALA B 135 -5.91 -10.48 9.91
N TYR B 136 -5.98 -9.20 9.53
CA TYR B 136 -4.93 -8.54 8.71
C TYR B 136 -3.63 -8.43 9.53
N LEU B 137 -3.74 -7.92 10.77
CA LEU B 137 -2.61 -7.75 11.73
C LEU B 137 -1.94 -9.11 11.98
N SER B 138 -2.73 -10.18 12.08
CA SER B 138 -2.25 -11.58 12.24
C SER B 138 -1.42 -12.02 11.03
N GLY B 139 -1.92 -11.81 9.80
CA GLY B 139 -1.16 -12.14 8.56
C GLY B 139 0.13 -11.34 8.50
N LEU B 140 0.04 -10.07 8.86
CA LEU B 140 1.15 -9.11 8.88
C LEU B 140 2.25 -9.61 9.82
N ARG B 141 1.88 -9.98 11.06
CA ARG B 141 2.81 -10.53 12.07
C ARG B 141 3.55 -11.74 11.48
N THR B 142 2.81 -12.66 10.86
CA THR B 142 3.36 -13.92 10.27
C THR B 142 4.40 -13.54 9.20
N ALA B 143 3.98 -12.75 8.23
CA ALA B 143 4.84 -12.22 7.14
C ALA B 143 6.10 -11.58 7.75
N ALA B 144 5.92 -10.71 8.74
CA ALA B 144 7.01 -9.93 9.37
C ALA B 144 8.04 -10.88 9.99
N TYR B 145 7.57 -11.97 10.61
CA TYR B 145 8.44 -13.02 11.21
C TYR B 145 9.26 -13.70 10.11
N THR B 146 8.59 -14.14 9.05
CA THR B 146 9.22 -14.69 7.81
C THR B 146 10.34 -13.75 7.35
N MET B 147 10.08 -12.45 7.20
CA MET B 147 11.08 -11.48 6.68
C MET B 147 12.27 -11.42 7.65
N ALA B 148 11.99 -11.36 8.96
CA ALA B 148 13.02 -11.43 10.03
C ALA B 148 13.85 -12.68 9.82
N SER B 149 13.17 -13.81 9.61
CA SER B 149 13.83 -15.14 9.50
C SER B 149 14.72 -15.14 8.26
N LEU B 150 14.22 -14.66 7.12
CA LEU B 150 14.96 -14.61 5.82
C LEU B 150 16.18 -13.67 5.95
N ARG B 151 16.03 -12.54 6.64
CA ARG B 151 17.10 -11.53 6.78
C ARG B 151 18.31 -12.18 7.45
N HIS B 152 18.09 -13.01 8.46
CA HIS B 152 19.18 -13.60 9.28
C HIS B 152 19.53 -15.03 8.87
N LEU B 153 18.62 -15.79 8.25
CA LEU B 153 18.83 -17.25 8.02
C LEU B 153 18.67 -17.65 6.56
N GLY B 154 18.22 -16.75 5.67
CA GLY B 154 18.04 -17.08 4.25
C GLY B 154 19.37 -17.06 3.51
N PRO B 155 19.37 -17.41 2.20
CA PRO B 155 20.49 -17.06 1.33
C PRO B 155 20.63 -15.53 1.31
N VAL B 156 21.83 -15.01 1.02
CA VAL B 156 22.03 -13.54 0.86
C VAL B 156 21.72 -13.19 -0.59
N GLY B 157 20.87 -12.18 -0.81
CA GLY B 157 20.47 -11.69 -2.14
C GLY B 157 19.82 -12.75 -3.02
N PHE B 158 19.00 -13.63 -2.45
CA PHE B 158 17.96 -14.41 -3.20
C PHE B 158 17.13 -13.41 -4.01
N ASP B 159 16.69 -13.78 -5.21
CA ASP B 159 15.87 -12.90 -6.10
C ASP B 159 14.62 -13.66 -6.56
N ALA B 160 14.32 -14.79 -5.93
CA ALA B 160 13.11 -15.58 -6.23
C ALA B 160 12.61 -16.22 -4.93
N VAL B 161 11.30 -16.21 -4.73
CA VAL B 161 10.62 -16.92 -3.62
C VAL B 161 9.52 -17.79 -4.23
N SER B 162 9.32 -18.98 -3.67
CA SER B 162 8.21 -19.90 -3.99
C SER B 162 7.18 -19.90 -2.87
N PHE B 163 5.90 -19.82 -3.22
CA PHE B 163 4.75 -19.92 -2.29
C PHE B 163 3.92 -21.14 -2.67
N ILE B 164 3.56 -21.97 -1.69
CA ILE B 164 2.48 -23.00 -1.84
C ILE B 164 1.25 -22.51 -1.05
N GLY B 165 0.17 -22.19 -1.77
CA GLY B 165 -1.02 -21.50 -1.23
C GLY B 165 -0.91 -20.02 -1.51
N THR B 166 -1.88 -19.47 -2.25
CA THR B 166 -1.90 -18.08 -2.75
C THR B 166 -3.17 -17.40 -2.21
N GLY B 167 -3.27 -17.29 -0.90
CA GLY B 167 -4.40 -16.64 -0.20
C GLY B 167 -3.98 -15.31 0.40
N ALA B 168 -4.76 -14.81 1.36
CA ALA B 168 -4.48 -13.58 2.16
C ALA B 168 -3.03 -13.57 2.64
N GLN B 169 -2.51 -14.71 3.09
CA GLN B 169 -1.15 -14.81 3.66
C GLN B 169 -0.10 -14.55 2.58
N ALA B 170 -0.28 -15.10 1.37
CA ALA B 170 0.62 -14.90 0.21
C ALA B 170 0.64 -13.42 -0.16
N ARG B 171 -0.52 -12.77 -0.15
CA ARG B 171 -0.65 -11.34 -0.53
C ARG B 171 0.21 -10.52 0.43
N VAL B 172 0.08 -10.73 1.74
CA VAL B 172 0.74 -9.89 2.77
C VAL B 172 2.24 -10.24 2.79
N HIS B 173 2.60 -11.49 2.54
CA HIS B 173 4.01 -11.93 2.39
C HIS B 173 4.64 -11.20 1.20
N ALA B 174 3.94 -11.11 0.08
CA ALA B 174 4.41 -10.42 -1.15
C ALA B 174 4.55 -8.94 -0.84
N ALA B 175 3.60 -8.33 -0.12
CA ALA B 175 3.72 -6.90 0.28
C ALA B 175 5.02 -6.72 1.07
N LEU B 176 5.38 -7.62 1.99
CA LEU B 176 6.56 -7.39 2.86
C LEU B 176 7.86 -7.72 2.10
N LEU B 177 7.83 -8.70 1.20
CA LEU B 177 8.99 -8.98 0.31
C LEU B 177 9.39 -7.70 -0.44
N ALA B 178 8.40 -6.98 -0.99
CA ALA B 178 8.62 -5.76 -1.81
C ALA B 178 9.34 -4.70 -0.96
N ARG B 179 8.99 -4.60 0.32
CA ARG B 179 9.57 -3.56 1.23
C ARG B 179 10.97 -3.97 1.72
N TYR B 180 11.16 -5.25 2.11
CA TYR B 180 12.38 -5.72 2.82
C TYR B 180 13.36 -6.45 1.89
N PHE B 181 12.89 -7.09 0.81
CA PHE B 181 13.74 -7.86 -0.13
C PHE B 181 13.43 -7.42 -1.55
N PRO B 182 13.80 -6.18 -1.93
CA PRO B 182 13.43 -5.60 -3.21
C PRO B 182 14.16 -6.26 -4.40
N ALA B 183 15.30 -6.90 -4.15
CA ALA B 183 16.01 -7.77 -5.11
C ALA B 183 15.13 -8.95 -5.57
N VAL B 184 14.05 -9.27 -4.85
CA VAL B 184 13.14 -10.40 -5.21
C VAL B 184 12.21 -9.90 -6.33
N ARG B 185 12.30 -10.50 -7.52
CA ARG B 185 11.50 -10.10 -8.71
C ARG B 185 10.66 -11.27 -9.23
N ASP B 186 10.90 -12.49 -8.77
CA ASP B 186 10.14 -13.68 -9.26
C ASP B 186 9.46 -14.36 -8.07
N LEU B 187 8.15 -14.58 -8.17
CA LEU B 187 7.35 -15.43 -7.25
C LEU B 187 6.88 -16.66 -8.02
N HIS B 188 7.27 -17.84 -7.56
CA HIS B 188 6.91 -19.16 -8.17
C HIS B 188 5.83 -19.78 -7.29
N VAL B 189 4.60 -19.82 -7.76
CA VAL B 189 3.40 -20.08 -6.91
C VAL B 189 2.70 -21.34 -7.41
N PHE B 190 2.20 -22.13 -6.47
CA PHE B 190 1.22 -23.22 -6.68
C PHE B 190 0.05 -23.00 -5.72
N ASP B 191 -1.16 -23.31 -6.19
CA ASP B 191 -2.37 -23.47 -5.35
C ASP B 191 -3.18 -24.65 -5.91
N THR B 192 -3.70 -25.51 -5.04
CA THR B 192 -4.57 -26.66 -5.44
C THR B 192 -5.77 -26.12 -6.25
N GLU B 193 -6.22 -24.89 -5.99
CA GLU B 193 -7.23 -24.16 -6.82
C GLU B 193 -6.51 -23.22 -7.77
N ARG B 194 -6.28 -23.65 -9.02
CA ARG B 194 -5.41 -22.89 -9.97
C ARG B 194 -5.99 -21.48 -10.21
N SER B 195 -7.32 -21.33 -10.22
CA SER B 195 -8.02 -20.02 -10.30
C SER B 195 -7.37 -19.02 -9.32
N ARG B 196 -7.09 -19.46 -8.08
CA ARG B 196 -6.53 -18.62 -6.98
C ARG B 196 -5.10 -18.20 -7.34
N ALA B 197 -4.29 -19.13 -7.87
CA ALA B 197 -2.91 -18.88 -8.36
C ALA B 197 -2.94 -17.90 -9.53
N GLU B 198 -3.86 -18.07 -10.49
CA GLU B 198 -4.03 -17.16 -11.67
C GLU B 198 -4.32 -15.74 -11.16
N ALA B 199 -5.09 -15.61 -10.08
CA ALA B 199 -5.55 -14.32 -9.55
C ALA B 199 -4.41 -13.60 -8.81
N PHE B 200 -3.41 -14.33 -8.31
CA PHE B 200 -2.37 -13.78 -7.40
C PHE B 200 -1.36 -12.98 -8.22
N THR B 201 -1.24 -11.69 -7.91
CA THR B 201 -0.42 -10.70 -8.67
C THR B 201 0.89 -10.39 -7.93
N GLY B 202 0.95 -10.65 -6.61
CA GLY B 202 1.95 -10.07 -5.70
C GLY B 202 1.94 -8.55 -5.75
N ALA B 203 3.05 -7.90 -5.39
CA ALA B 203 3.22 -6.43 -5.47
C ALA B 203 3.74 -6.06 -6.88
N SER B 204 3.65 -4.76 -7.21
CA SER B 204 3.87 -4.18 -8.56
C SER B 204 5.22 -4.61 -9.14
N GLY B 205 6.24 -4.67 -8.28
CA GLY B 205 7.60 -5.07 -8.67
C GLY B 205 7.78 -6.57 -8.76
N HIS B 206 6.71 -7.38 -8.65
CA HIS B 206 6.81 -8.86 -8.77
C HIS B 206 6.30 -9.33 -10.14
N THR B 207 6.97 -10.35 -10.69
CA THR B 207 6.51 -11.22 -11.79
C THR B 207 6.09 -12.58 -11.20
N VAL B 208 4.83 -12.95 -11.37
CA VAL B 208 4.26 -14.25 -10.91
C VAL B 208 4.42 -15.31 -12.01
N HIS B 209 5.09 -16.42 -11.69
CA HIS B 209 5.13 -17.67 -12.51
C HIS B 209 4.25 -18.73 -11.85
N VAL B 210 3.09 -19.04 -12.41
CA VAL B 210 2.21 -20.13 -11.89
C VAL B 210 2.82 -21.45 -12.36
N HIS B 211 3.01 -22.39 -11.42
CA HIS B 211 3.40 -23.80 -11.68
C HIS B 211 2.21 -24.70 -11.38
N ASP B 212 2.21 -25.90 -11.95
CA ASP B 212 1.01 -26.78 -11.96
C ASP B 212 1.08 -27.81 -10.82
N THR B 213 2.23 -27.93 -10.13
CA THR B 213 2.41 -28.82 -8.95
C THR B 213 3.19 -28.06 -7.87
N ALA B 214 3.07 -28.49 -6.61
CA ALA B 214 3.85 -27.97 -5.47
C ALA B 214 5.34 -28.22 -5.75
N GLU B 215 5.69 -29.43 -6.20
CA GLU B 215 7.09 -29.80 -6.55
C GLU B 215 7.71 -28.73 -7.45
N ALA B 216 7.04 -28.40 -8.55
CA ALA B 216 7.56 -27.49 -9.59
C ALA B 216 7.87 -26.11 -8.98
N ALA B 217 6.94 -25.59 -8.17
CA ALA B 217 7.08 -24.28 -7.47
C ALA B 217 8.26 -24.36 -6.49
N VAL B 218 8.42 -25.48 -5.79
CA VAL B 218 9.55 -25.68 -4.84
C VAL B 218 10.88 -25.68 -5.60
N ARG B 219 10.98 -26.39 -6.73
CA ARG B 219 12.25 -26.57 -7.48
C ARG B 219 12.67 -25.28 -8.18
N ALA B 220 11.82 -24.25 -8.23
CA ALA B 220 12.00 -23.06 -9.08
C ALA B 220 12.79 -21.96 -8.35
N SER B 221 13.02 -22.11 -7.05
CA SER B 221 13.78 -21.13 -6.23
C SER B 221 14.49 -21.83 -5.08
N HIS B 222 15.17 -21.06 -4.24
CA HIS B 222 15.88 -21.53 -3.02
C HIS B 222 15.14 -21.06 -1.77
N VAL B 223 14.00 -20.40 -1.91
CA VAL B 223 13.20 -19.89 -0.76
C VAL B 223 11.73 -20.34 -0.92
N LEU B 224 11.25 -21.12 0.03
CA LEU B 224 9.87 -21.63 0.05
C LEU B 224 9.15 -21.08 1.28
N VAL B 225 7.89 -20.70 1.08
CA VAL B 225 6.91 -20.36 2.15
C VAL B 225 5.68 -21.24 1.92
N THR B 226 5.36 -22.13 2.85
CA THR B 226 4.17 -23.01 2.79
C THR B 226 3.06 -22.29 3.55
N LEU B 227 1.92 -22.05 2.87
CA LEU B 227 0.77 -21.23 3.35
C LEU B 227 -0.52 -21.99 3.11
N THR B 228 -0.50 -23.31 3.24
CA THR B 228 -1.65 -24.22 2.96
C THR B 228 -2.45 -24.46 4.24
N THR B 229 -3.51 -25.28 4.14
CA THR B 229 -4.35 -25.73 5.28
C THR B 229 -4.34 -27.27 5.32
N VAL B 230 -3.29 -27.91 4.78
CA VAL B 230 -3.13 -29.39 4.81
C VAL B 230 -2.93 -29.85 6.26
N ASP B 231 -3.25 -31.12 6.51
CA ASP B 231 -3.10 -31.79 7.82
C ASP B 231 -2.03 -32.88 7.73
N ASP B 232 -1.64 -33.26 6.50
CA ASP B 232 -0.72 -34.42 6.23
C ASP B 232 0.46 -33.95 5.39
N GLY B 233 1.67 -34.38 5.74
CA GLY B 233 2.91 -34.02 5.06
C GLY B 233 2.95 -34.63 3.68
N TYR B 234 3.53 -33.91 2.71
CA TYR B 234 3.67 -34.36 1.30
C TYR B 234 5.01 -33.89 0.71
N ILE B 235 5.74 -32.97 1.34
CA ILE B 235 7.02 -32.42 0.80
C ILE B 235 8.20 -33.23 1.34
N PRO B 236 8.88 -34.02 0.47
CA PRO B 236 10.07 -34.76 0.87
C PRO B 236 11.32 -33.87 0.76
N HIS B 237 12.46 -34.40 1.19
CA HIS B 237 13.76 -33.69 1.20
C HIS B 237 14.26 -33.47 -0.24
N ASP B 238 13.97 -34.41 -1.14
CA ASP B 238 14.51 -34.49 -2.53
C ASP B 238 14.02 -33.31 -3.38
N TRP B 239 12.91 -32.66 -3.03
CA TRP B 239 12.37 -31.50 -3.79
C TRP B 239 13.31 -30.29 -3.75
N PHE B 240 14.02 -30.06 -2.64
CA PHE B 240 14.83 -28.83 -2.40
C PHE B 240 16.13 -28.87 -3.19
N ARG B 241 16.49 -27.73 -3.78
CA ARG B 241 17.85 -27.47 -4.30
C ARG B 241 18.80 -27.40 -3.11
N PRO B 242 20.11 -27.68 -3.29
CA PRO B 242 21.11 -27.41 -2.26
C PRO B 242 21.14 -25.92 -1.92
N GLY B 243 21.18 -25.57 -0.63
CA GLY B 243 21.23 -24.18 -0.17
C GLY B 243 19.85 -23.54 -0.30
N SER B 244 18.83 -24.27 0.15
CA SER B 244 17.40 -23.90 0.13
C SER B 244 16.98 -23.47 1.53
N PHE B 245 15.94 -22.66 1.64
CA PHE B 245 15.30 -22.23 2.90
C PHE B 245 13.80 -22.48 2.80
N VAL B 246 13.16 -22.83 3.91
CA VAL B 246 11.67 -22.95 3.99
C VAL B 246 11.15 -22.35 5.30
N ALA B 247 10.36 -21.29 5.18
CA ALA B 247 9.39 -20.81 6.18
C ALA B 247 8.18 -21.77 6.18
N HIS B 248 8.16 -22.68 7.15
CA HIS B 248 7.11 -23.73 7.30
C HIS B 248 5.89 -23.12 8.01
N VAL B 249 5.28 -22.09 7.43
CA VAL B 249 4.23 -21.25 8.10
C VAL B 249 2.99 -22.09 8.43
N SER B 250 2.56 -22.94 7.49
CA SER B 250 1.34 -23.79 7.60
C SER B 250 1.59 -25.02 8.48
N LEU B 251 2.85 -25.34 8.78
CA LEU B 251 3.29 -26.23 9.90
C LEU B 251 3.01 -27.72 9.66
N ASP B 252 2.43 -28.16 8.53
CA ASP B 252 2.11 -29.61 8.32
C ASP B 252 2.54 -30.09 6.94
N ASP B 253 3.15 -29.24 6.12
CA ASP B 253 3.48 -29.56 4.70
C ASP B 253 4.71 -30.47 4.64
N LEU B 254 5.73 -30.21 5.47
CA LEU B 254 7.03 -30.93 5.42
C LEU B 254 6.86 -32.31 6.05
N LEU B 255 7.38 -33.35 5.38
CA LEU B 255 7.51 -34.72 5.93
C LEU B 255 8.59 -34.73 7.01
N PRO B 256 8.60 -35.74 7.89
CA PRO B 256 9.64 -35.87 8.92
C PRO B 256 11.10 -35.78 8.45
N GLU B 257 11.44 -36.44 7.34
CA GLU B 257 12.82 -36.57 6.83
C GLU B 257 13.43 -35.19 6.56
N VAL B 258 12.60 -34.18 6.30
CA VAL B 258 13.07 -32.79 6.03
C VAL B 258 13.69 -32.25 7.33
N PHE B 259 13.01 -32.50 8.46
CA PHE B 259 13.43 -32.08 9.82
C PHE B 259 14.75 -32.77 10.18
N PHE B 260 14.87 -34.08 9.92
CA PHE B 260 16.03 -34.93 10.31
C PHE B 260 17.23 -34.70 9.39
N LYS B 261 17.00 -34.38 8.12
CA LYS B 261 18.08 -34.18 7.12
C LYS B 261 18.40 -32.68 7.00
N SER B 262 17.76 -31.81 7.78
CA SER B 262 17.89 -30.33 7.70
C SER B 262 19.30 -29.86 8.06
N GLU B 263 19.91 -29.02 7.23
CA GLU B 263 21.23 -28.38 7.52
C GLU B 263 21.14 -27.61 8.85
N ALA B 264 19.96 -27.06 9.16
CA ALA B 264 19.66 -26.36 10.42
C ALA B 264 18.14 -26.30 10.60
N LEU B 265 17.69 -26.12 11.84
CA LEU B 265 16.25 -26.10 12.20
C LEU B 265 16.06 -25.05 13.30
N PHE B 266 15.36 -23.97 12.98
CA PHE B 266 15.13 -22.82 13.90
C PHE B 266 13.63 -22.71 14.21
N VAL B 267 13.29 -22.48 15.47
CA VAL B 267 11.90 -22.36 15.98
C VAL B 267 11.70 -20.94 16.48
N ASP B 268 10.47 -20.59 16.88
CA ASP B 268 10.18 -19.35 17.65
C ASP B 268 10.26 -19.69 19.14
N ASP B 269 9.56 -20.75 19.57
CA ASP B 269 9.47 -21.20 20.99
C ASP B 269 9.27 -22.72 21.02
N LEU B 270 10.29 -23.48 21.43
CA LEU B 270 10.28 -24.96 21.41
C LEU B 270 9.13 -25.49 22.28
N GLU B 271 8.83 -24.84 23.40
CA GLU B 271 7.87 -25.37 24.42
C GLU B 271 6.44 -25.23 23.86
N LEU B 272 6.15 -24.16 23.12
CA LEU B 272 4.87 -23.98 22.38
C LEU B 272 4.70 -25.12 21.38
N ILE B 273 5.78 -25.49 20.69
CA ILE B 273 5.73 -26.52 19.62
C ILE B 273 5.47 -27.87 20.31
N ARG B 274 6.31 -28.21 21.29
CA ARG B 274 6.25 -29.46 22.08
C ARG B 274 4.84 -29.66 22.68
N GLU B 275 4.15 -28.58 23.04
CA GLU B 275 2.82 -28.61 23.72
C GLU B 275 1.64 -28.70 22.74
N ASN B 276 1.90 -28.64 21.43
CA ASN B 276 0.85 -28.68 20.36
C ASN B 276 1.22 -29.75 19.32
N PRO B 277 1.25 -31.06 19.67
CA PRO B 277 1.71 -32.10 18.75
C PRO B 277 0.72 -32.51 17.64
N ARG B 278 -0.42 -31.82 17.52
CA ARG B 278 -1.31 -31.91 16.33
C ARG B 278 -0.62 -31.30 15.10
N ARG B 279 0.57 -30.69 15.26
CA ARG B 279 1.48 -30.25 14.17
C ARG B 279 2.75 -31.11 14.22
N VAL B 280 3.33 -31.41 13.04
CA VAL B 280 4.32 -32.51 12.86
C VAL B 280 5.52 -32.32 13.80
N LEU B 281 6.16 -31.14 13.87
CA LEU B 281 7.40 -30.97 14.68
C LEU B 281 7.06 -31.28 16.14
N GLY B 282 5.91 -30.80 16.61
CA GLY B 282 5.34 -31.15 17.93
C GLY B 282 5.31 -32.66 18.14
N ALA B 283 4.84 -33.42 17.15
CA ALA B 283 4.76 -34.91 17.16
C ALA B 283 6.17 -35.53 17.26
N LEU B 284 7.14 -35.08 16.45
CA LEU B 284 8.48 -35.72 16.34
C LEU B 284 9.27 -35.55 17.65
N LEU B 285 9.04 -34.46 18.38
CA LEU B 285 9.79 -34.15 19.63
C LEU B 285 9.32 -35.07 20.77
N ALA B 286 8.06 -35.50 20.76
CA ALA B 286 7.50 -36.51 21.68
C ALA B 286 8.03 -37.91 21.34
N ASP B 287 8.38 -38.15 20.06
CA ASP B 287 8.92 -39.44 19.55
C ASP B 287 10.40 -39.58 19.95
N GLY B 288 11.11 -38.46 20.15
CA GLY B 288 12.51 -38.46 20.62
C GLY B 288 13.30 -37.23 20.20
N ASP B 289 14.57 -37.41 19.87
CA ASP B 289 15.55 -36.33 19.57
C ASP B 289 15.32 -35.82 18.15
N VAL B 290 14.98 -34.53 18.00
CA VAL B 290 14.95 -33.78 16.71
C VAL B 290 16.06 -32.73 16.74
N PRO B 291 16.89 -32.59 15.66
CA PRO B 291 18.05 -31.70 15.71
C PRO B 291 17.68 -30.21 15.56
N VAL B 292 17.10 -29.62 16.61
CA VAL B 292 16.76 -28.17 16.70
C VAL B 292 18.04 -27.38 16.95
N THR B 293 18.38 -26.43 16.06
CA THR B 293 19.57 -25.56 16.21
C THR B 293 19.33 -24.53 17.32
N GLY B 294 18.17 -23.87 17.32
CA GLY B 294 17.80 -22.86 18.31
C GLY B 294 16.57 -22.08 17.90
N SER B 295 16.39 -20.91 18.49
CA SER B 295 15.25 -19.99 18.20
C SER B 295 15.75 -18.80 17.38
N LEU B 296 14.87 -18.16 16.62
CA LEU B 296 15.21 -16.90 15.91
C LEU B 296 15.59 -15.84 16.96
N GLY B 297 14.94 -15.86 18.13
CA GLY B 297 15.29 -14.99 19.28
C GLY B 297 16.71 -15.22 19.73
N GLY B 298 17.14 -16.49 19.81
CA GLY B 298 18.53 -16.88 20.14
C GLY B 298 19.53 -16.30 19.14
N VAL B 299 19.19 -16.33 17.85
CA VAL B 299 20.04 -15.75 16.78
C VAL B 299 20.16 -14.24 17.02
N LEU B 300 19.07 -13.57 17.36
CA LEU B 300 19.04 -12.08 17.43
C LEU B 300 19.81 -11.60 18.67
N THR B 301 19.83 -12.38 19.74
CA THR B 301 20.45 -12.01 21.04
C THR B 301 21.91 -12.48 21.08
N GLY B 302 22.28 -13.45 20.24
CA GLY B 302 23.62 -14.04 20.16
C GLY B 302 23.74 -15.34 20.93
N ALA B 303 22.64 -15.87 21.48
CA ALA B 303 22.65 -17.12 22.26
C ALA B 303 23.06 -18.30 21.36
N VAL B 304 22.84 -18.21 20.04
CA VAL B 304 23.19 -19.27 19.05
C VAL B 304 23.60 -18.62 17.73
N ALA B 305 24.43 -19.30 16.95
CA ALA B 305 24.97 -18.82 15.66
C ALA B 305 23.89 -18.92 14.59
N PRO B 306 23.73 -17.90 13.72
CA PRO B 306 22.91 -18.04 12.51
C PRO B 306 23.55 -19.12 11.62
N VAL B 307 22.73 -19.83 10.85
CA VAL B 307 23.17 -20.81 9.81
C VAL B 307 22.35 -20.53 8.57
N ARG B 308 22.99 -19.94 7.56
CA ARG B 308 22.42 -19.72 6.21
C ARG B 308 22.58 -21.02 5.43
N PRO B 309 21.69 -21.31 4.45
CA PRO B 309 21.82 -22.53 3.65
C PRO B 309 23.13 -22.49 2.87
N ARG B 310 23.82 -23.63 2.80
CA ARG B 310 24.98 -23.88 1.90
C ARG B 310 24.72 -25.22 1.17
N ASP B 311 24.72 -26.33 1.91
CA ASP B 311 24.70 -27.68 1.30
C ASP B 311 23.27 -28.26 1.27
N GLY B 312 22.43 -27.90 2.24
CA GLY B 312 21.11 -28.56 2.44
C GLY B 312 19.96 -27.57 2.50
N VAL B 313 18.90 -27.94 3.20
CA VAL B 313 17.72 -27.07 3.46
C VAL B 313 17.76 -26.61 4.92
N VAL B 314 17.68 -25.29 5.14
CA VAL B 314 17.45 -24.68 6.47
C VAL B 314 15.94 -24.59 6.65
N VAL B 315 15.42 -25.11 7.76
CA VAL B 315 13.96 -25.11 8.08
C VAL B 315 13.71 -24.05 9.16
N SER B 316 12.70 -23.21 8.96
CA SER B 316 12.13 -22.31 10.01
C SER B 316 10.69 -22.71 10.31
N ASN B 317 10.41 -23.15 11.53
CA ASN B 317 9.11 -23.71 11.96
C ASN B 317 8.65 -22.89 13.16
N PRO B 318 8.02 -21.72 12.94
CA PRO B 318 7.42 -20.95 14.03
C PRO B 318 5.96 -21.34 14.27
N PHE B 319 5.60 -21.76 15.50
CA PHE B 319 4.19 -22.11 15.84
C PHE B 319 3.34 -20.84 15.75
N GLY B 320 3.87 -19.71 16.23
CA GLY B 320 3.22 -18.39 16.20
C GLY B 320 2.86 -17.94 17.61
N MET B 321 3.60 -16.97 18.13
CA MET B 321 3.50 -16.54 19.54
C MET B 321 2.66 -15.27 19.66
N ALA B 322 1.76 -15.24 20.63
CA ALA B 322 0.78 -14.14 20.83
C ALA B 322 1.52 -12.85 21.21
N VAL B 323 2.72 -12.96 21.79
CA VAL B 323 3.55 -11.77 22.23
C VAL B 323 3.87 -10.91 21.02
N LEU B 324 4.02 -11.51 19.84
CA LEU B 324 4.25 -10.76 18.57
C LEU B 324 3.01 -9.92 18.26
N ASP B 325 1.80 -10.49 18.42
CA ASP B 325 0.51 -9.82 18.11
C ASP B 325 0.25 -8.67 19.08
N VAL B 326 0.50 -8.92 20.36
CA VAL B 326 0.35 -7.91 21.46
C VAL B 326 1.37 -6.80 21.18
N GLY B 327 2.61 -7.20 20.84
CA GLY B 327 3.69 -6.29 20.42
C GLY B 327 3.24 -5.36 19.30
N LEU B 328 2.78 -5.92 18.19
CA LEU B 328 2.31 -5.15 17.01
C LEU B 328 1.08 -4.31 17.38
N LEU B 329 0.09 -4.88 18.07
CA LEU B 329 -1.19 -4.15 18.34
C LEU B 329 -0.90 -2.93 19.22
N ALA B 330 0.06 -3.05 20.16
CA ALA B 330 0.48 -1.95 21.06
C ALA B 330 1.04 -0.79 20.24
N GLU B 331 1.82 -1.10 19.19
CA GLU B 331 2.38 -0.08 18.27
C GLU B 331 1.25 0.51 17.44
N VAL B 332 0.33 -0.31 16.93
CA VAL B 332 -0.84 0.18 16.15
C VAL B 332 -1.64 1.16 17.02
N ALA B 333 -1.98 0.76 18.25
CA ALA B 333 -2.78 1.60 19.17
C ALA B 333 -2.07 2.95 19.39
N ALA B 334 -0.76 2.94 19.66
CA ALA B 334 0.08 4.15 19.87
C ALA B 334 -0.09 5.11 18.69
N HIS B 335 0.00 4.61 17.46
CA HIS B 335 -0.16 5.40 16.20
C HIS B 335 -1.60 5.91 16.09
N ALA B 336 -2.61 5.06 16.38
CA ALA B 336 -4.04 5.44 16.31
C ALA B 336 -4.29 6.64 17.24
N ARG B 337 -3.85 6.53 18.48
CA ARG B 337 -3.91 7.57 19.54
C ARG B 337 -3.35 8.90 19.01
N SER B 338 -2.14 8.87 18.42
CA SER B 338 -1.37 10.04 17.91
C SER B 338 -2.15 10.80 16.82
N ALA B 339 -2.58 10.07 15.77
CA ALA B 339 -3.30 10.64 14.60
C ALA B 339 -4.77 10.90 14.93
N GLY B 340 -5.22 10.55 16.13
CA GLY B 340 -6.59 10.79 16.63
C GLY B 340 -7.59 9.94 15.87
N LEU B 341 -7.25 8.67 15.61
CA LEU B 341 -8.04 7.74 14.74
C LEU B 341 -8.82 6.74 15.61
N GLY B 342 -9.65 5.91 14.97
CA GLY B 342 -10.53 4.94 15.65
C GLY B 342 -11.68 5.63 16.34
N THR B 343 -12.53 4.84 17.01
CA THR B 343 -13.85 5.23 17.59
C THR B 343 -13.87 4.85 19.07
N THR B 344 -14.44 5.69 19.94
CA THR B 344 -14.61 5.38 21.38
C THR B 344 -15.95 4.65 21.57
N LEU B 345 -15.89 3.41 22.09
CA LEU B 345 -17.06 2.57 22.44
C LEU B 345 -17.36 2.66 23.93
N ASP B 346 -18.63 2.84 24.29
CA ASP B 346 -19.15 2.76 25.66
C ASP B 346 -19.60 1.30 25.90
N LEU B 347 -18.90 0.57 26.77
CA LEU B 347 -19.21 -0.84 27.10
C LEU B 347 -20.34 -0.89 28.15
N LEU B 348 -20.70 0.25 28.74
CA LEU B 348 -21.80 0.38 29.73
C LEU B 348 -23.08 0.85 29.03
N GLY B 349 -23.02 1.97 28.30
CA GLY B 349 -24.19 2.63 27.69
C GLY B 349 -24.97 3.42 28.73
N ALA B 350 -26.22 3.75 28.41
CA ALA B 350 -27.05 4.77 29.11
C ALA B 350 -27.83 4.12 30.27
#